data_5QD0
#
_entry.id   5QD0
#
_cell.length_a   79.919
_cell.length_b   102.374
_cell.length_c   98.643
_cell.angle_alpha   90.00
_cell.angle_beta   104.69
_cell.angle_gamma   90.00
#
_symmetry.space_group_name_H-M   'P 1 21 1'
#
loop_
_entity.id
_entity.type
_entity.pdbx_description
1 polymer 'Beta-secretase 1'
2 non-polymer (5S,8S,10R)-8-[(1R)-1-hydroxy-2-{[(5-propyl-1H-pyrazol-3-yl)methyl]amino}ethyl]-4,5,10-trimethyl-1-oxa-4,7-diazacyclohexadecane-3,6-dione
3 water water
#
_entity_poly.entity_id   1
_entity_poly.type   'polypeptide(L)'
_entity_poly.pdbx_seq_one_letter_code
;GPDEEPEEPGRRGSFVEMVDNLRGKSGQGYYVEMTVGSPPQTLNILVDTGSSNFAVGAAPHPFLHRYYQRQLSSTYRDLR
KGVYVPYTQGKWEGELGTDLVSIPHGPNVTVRANIAAITESDKFFINGSNWEGILGLAYAEIARPDDSLEPFFDSLVKQT
HVPNLFSLQLCGAGFPLNQSEVLASVGGSMIIGGIDHSLYTGSLWYTPIRREWYYEVIIVRVEINGQDLKMDCKEYNYDK
SIVDSGTTNLRLPKKVFEAAVKSIKAASSTEKFPDGFWLGEQLVCWQAGTTPWNIFPVISLYLMGEVTNQSFRITILPQQ
YLRPVEDVATSQDDCYKFAISQSSTGTVMGAVIMEGFYVVFDRARKRIGFAVSACHVHDEFRTAAVEGPFVTLDMEDCGY
NI
;
_entity_poly.pdbx_strand_id   A,B,C
#
loop_
_chem_comp.id
_chem_comp.type
_chem_comp.name
_chem_comp.formula
E5Y non-polymer (5S,8S,10R)-8-[(1R)-1-hydroxy-2-{[(5-propyl-1H-pyrazol-3-yl)methyl]amino}ethyl]-4,5,10-trimethyl-1-oxa-4,7-diazacyclohexadecane-3,6-dione 'C25 H45 N5 O4'
#
# COMPACT_ATOMS: atom_id res chain seq x y z
N SER A 14 3.05 -7.51 37.43
CA SER A 14 2.35 -6.41 38.11
C SER A 14 1.23 -5.82 37.23
N PHE A 15 1.13 -6.35 36.01
CA PHE A 15 0.31 -5.76 34.96
C PHE A 15 -1.17 -6.12 35.03
N VAL A 16 -1.61 -7.04 35.90
CA VAL A 16 -3.04 -7.36 35.93
C VAL A 16 -3.85 -6.10 36.21
N GLU A 17 -3.27 -5.14 36.94
CA GLU A 17 -3.95 -3.89 37.26
C GLU A 17 -4.39 -3.13 36.01
N MET A 18 -3.69 -3.33 34.90
CA MET A 18 -3.93 -2.55 33.70
C MET A 18 -4.75 -3.33 32.67
N VAL A 19 -4.98 -4.62 32.91
CA VAL A 19 -5.73 -5.40 31.95
C VAL A 19 -7.16 -4.87 31.89
N ASP A 20 -7.68 -4.74 30.67
CA ASP A 20 -9.04 -4.27 30.43
C ASP A 20 -9.24 -2.82 30.83
N ASN A 21 -8.19 -1.99 30.78
CA ASN A 21 -8.29 -0.59 31.14
C ASN A 21 -8.69 0.31 29.97
N LEU A 22 -9.09 -0.27 28.84
CA LEU A 22 -9.56 0.51 27.69
C LEU A 22 -11.03 0.20 27.40
N ARG A 23 -11.78 1.24 27.04
CA ARG A 23 -13.15 1.11 26.56
C ARG A 23 -13.27 1.86 25.25
N GLY A 24 -14.40 1.70 24.57
CA GLY A 24 -14.66 2.45 23.36
C GLY A 24 -15.93 2.05 22.62
N LYS A 25 -16.40 2.91 21.72
CA LYS A 25 -17.41 2.53 20.75
C LYS A 25 -16.75 2.24 19.43
N SER A 26 -17.26 1.23 18.72
CA SER A 26 -16.74 0.88 17.40
C SER A 26 -16.68 2.11 16.51
N GLY A 27 -15.53 2.29 15.85
CA GLY A 27 -15.29 3.42 14.98
C GLY A 27 -14.94 4.70 15.69
N GLN A 28 -14.95 4.71 17.03
CA GLN A 28 -14.75 5.93 17.79
C GLN A 28 -13.53 5.89 18.69
N GLY A 29 -12.62 4.93 18.47
CA GLY A 29 -11.38 4.87 19.22
C GLY A 29 -11.48 4.23 20.58
N TYR A 30 -10.31 3.93 21.15
CA TYR A 30 -10.19 3.37 22.49
C TYR A 30 -9.65 4.43 23.43
N TYR A 31 -10.23 4.49 24.63
CA TYR A 31 -9.79 5.46 25.62
C TYR A 31 -9.46 4.75 26.93
N VAL A 32 -8.59 5.39 27.68
CA VAL A 32 -8.18 5.00 29.02
C VAL A 32 -8.50 6.16 29.95
N GLU A 33 -8.74 5.84 31.22
CA GLU A 33 -9.05 6.86 32.21
C GLU A 33 -7.77 7.47 32.77
N MET A 34 -7.75 8.80 32.89
CA MET A 34 -6.64 9.53 33.46
C MET A 34 -7.13 10.60 34.43
N THR A 35 -6.22 11.11 35.25
CA THR A 35 -6.50 12.29 36.04
C THR A 35 -5.48 13.36 35.71
N VAL A 36 -5.92 14.62 35.67
CA VAL A 36 -5.01 15.74 35.50
C VAL A 36 -5.32 16.78 36.57
N GLY A 37 -4.28 17.43 37.07
CA GLY A 37 -4.44 18.52 38.01
C GLY A 37 -4.50 18.06 39.45
N SER A 38 -4.37 19.04 40.34
CA SER A 38 -4.49 18.85 41.78
C SER A 38 -5.58 19.78 42.29
N PRO A 39 -6.70 19.27 42.85
CA PRO A 39 -7.03 17.85 42.99
C PRO A 39 -7.33 17.20 41.63
N PRO A 40 -7.28 15.87 41.56
CA PRO A 40 -7.35 15.20 40.25
C PRO A 40 -8.70 15.43 39.57
N GLN A 41 -8.65 15.89 38.34
CA GLN A 41 -9.80 15.93 37.44
C GLN A 41 -9.76 14.70 36.55
N THR A 42 -10.88 13.99 36.49
CA THR A 42 -10.94 12.70 35.81
C THR A 42 -11.41 12.87 34.37
N LEU A 43 -10.64 12.32 33.42
CA LEU A 43 -11.00 12.42 32.01
C LEU A 43 -10.72 11.09 31.31
N ASN A 44 -11.57 10.76 30.34
CA ASN A 44 -11.35 9.63 29.46
C ASN A 44 -10.53 10.12 28.27
N ILE A 45 -9.40 9.48 28.03
CA ILE A 45 -8.40 9.97 27.11
C ILE A 45 -8.16 8.91 26.06
N LEU A 46 -8.46 9.26 24.80
CA LEU A 46 -8.22 8.39 23.66
C LEU A 46 -6.72 8.11 23.50
N VAL A 47 -6.38 6.84 23.20
CA VAL A 47 -4.99 6.42 23.04
C VAL A 47 -4.68 6.31 21.54
N ASP A 48 -3.71 7.12 21.09
CA ASP A 48 -3.42 7.33 19.67
C ASP A 48 -1.92 7.15 19.39
N THR A 49 -1.56 6.03 18.76
CA THR A 49 -0.17 5.82 18.39
C THR A 49 0.21 6.54 17.10
N GLY A 50 -0.71 7.29 16.50
CA GLY A 50 -0.48 8.02 15.27
C GLY A 50 -0.37 9.53 15.42
N SER A 51 -0.16 10.02 16.65
CA SER A 51 0.14 11.43 16.91
C SER A 51 0.93 11.47 18.21
N SER A 52 1.41 12.68 18.59
CA SER A 52 2.36 12.78 19.69
C SER A 52 2.03 13.90 20.67
N ASN A 53 0.82 14.45 20.63
CA ASN A 53 0.38 15.51 21.53
C ASN A 53 -0.63 14.97 22.50
N PHE A 54 -0.48 15.37 23.77
CA PHE A 54 -1.47 15.12 24.80
C PHE A 54 -2.35 16.37 24.89
N ALA A 55 -3.64 16.21 24.63
CA ALA A 55 -4.55 17.36 24.59
C ALA A 55 -5.91 16.97 25.14
N VAL A 56 -6.53 17.89 25.85
CA VAL A 56 -7.81 17.64 26.49
C VAL A 56 -8.77 18.76 26.20
N GLY A 57 -10.06 18.43 26.10
CA GLY A 57 -11.07 19.47 26.11
C GLY A 57 -10.89 20.38 27.32
N ALA A 58 -10.92 21.69 27.11
CA ALA A 58 -10.70 22.64 28.18
C ALA A 58 -11.72 23.77 28.19
N ALA A 59 -12.84 23.59 27.48
CA ALA A 59 -13.87 24.59 27.30
C ALA A 59 -15.16 23.85 26.94
N PRO A 60 -16.32 24.45 27.20
CA PRO A 60 -17.58 23.78 26.85
C PRO A 60 -17.64 23.46 25.37
N HIS A 61 -18.29 22.34 25.06
CA HIS A 61 -18.48 21.85 23.70
C HIS A 61 -19.75 21.01 23.73
N PRO A 62 -20.54 21.04 22.66
CA PRO A 62 -21.78 20.25 22.65
C PRO A 62 -21.56 18.76 22.97
N PHE A 63 -20.48 18.17 22.46
CA PHE A 63 -20.26 16.74 22.56
C PHE A 63 -19.46 16.33 23.79
N LEU A 64 -18.94 17.28 24.58
CA LEU A 64 -18.13 16.97 25.75
C LEU A 64 -18.99 16.83 26.99
N HIS A 65 -18.80 15.74 27.72
CA HIS A 65 -19.51 15.54 28.98
C HIS A 65 -18.80 16.20 30.16
N ARG A 66 -17.50 16.43 30.05
CA ARG A 66 -16.74 17.17 31.04
C ARG A 66 -15.53 17.75 30.32
N TYR A 67 -14.71 18.51 31.05
CA TYR A 67 -13.48 19.02 30.46
C TYR A 67 -12.52 19.51 31.53
N TYR A 68 -11.26 19.61 31.13
CA TYR A 68 -10.19 20.14 31.96
C TYR A 68 -10.49 21.57 32.34
N GLN A 69 -10.35 21.87 33.63
CA GLN A 69 -10.59 23.22 34.15
C GLN A 69 -9.30 23.70 34.78
N ARG A 70 -8.52 24.46 34.01
CA ARG A 70 -7.20 24.87 34.48
C ARG A 70 -7.29 25.73 35.72
N GLN A 71 -8.33 26.56 35.80
CA GLN A 71 -8.47 27.46 36.94
C GLN A 71 -8.64 26.72 38.26
N LEU A 72 -9.10 25.47 38.23
CA LEU A 72 -9.30 24.71 39.46
C LEU A 72 -8.11 23.85 39.87
N SER A 73 -7.01 23.86 39.12
CA SER A 73 -5.88 23.01 39.44
C SER A 73 -4.73 23.87 39.94
N SER A 74 -4.27 23.56 41.16
CA SER A 74 -3.21 24.34 41.77
C SER A 74 -1.85 24.07 41.16
N THR A 75 -1.68 22.90 40.52
CA THR A 75 -0.43 22.57 39.88
C THR A 75 -0.39 22.93 38.41
N TYR A 76 -1.45 23.54 37.88
CA TYR A 76 -1.43 23.97 36.49
C TYR A 76 -0.41 25.10 36.31
N ARG A 77 0.44 24.95 35.29
CA ARG A 77 1.33 26.02 34.86
C ARG A 77 1.05 26.34 33.40
N ASP A 78 0.95 27.63 33.09
CA ASP A 78 0.67 28.07 31.74
C ASP A 78 1.99 28.27 31.01
N LEU A 79 2.12 27.67 29.85
CA LEU A 79 3.31 27.86 29.05
C LEU A 79 3.21 29.07 28.15
N ARG A 80 2.02 29.66 28.01
CA ARG A 80 1.84 30.90 27.27
C ARG A 80 2.35 30.76 25.83
N LYS A 81 2.14 29.58 25.25
CA LYS A 81 2.35 29.32 23.84
C LYS A 81 1.09 28.69 23.27
N GLY A 82 0.80 29.02 22.00
CA GLY A 82 -0.34 28.44 21.32
C GLY A 82 0.03 27.17 20.57
N VAL A 83 -0.99 26.42 20.17
CA VAL A 83 -0.76 25.13 19.54
C VAL A 83 -2.00 24.73 18.75
N TYR A 84 -1.78 24.02 17.64
CA TYR A 84 -2.86 23.39 16.90
C TYR A 84 -2.32 22.12 16.28
N VAL A 85 -3.21 21.14 16.08
CA VAL A 85 -2.87 19.89 15.45
C VAL A 85 -3.90 19.60 14.36
N PRO A 86 -3.51 19.54 13.10
CA PRO A 86 -4.43 19.03 12.07
C PRO A 86 -4.18 17.55 11.80
N TYR A 87 -5.13 16.69 12.16
CA TYR A 87 -5.00 15.26 11.88
C TYR A 87 -5.38 15.00 10.42
N THR A 88 -5.30 13.75 9.99
CA THR A 88 -5.76 13.41 8.66
C THR A 88 -7.23 13.78 8.47
N GLN A 89 -8.03 13.64 9.53
CA GLN A 89 -9.39 14.15 9.56
C GLN A 89 -9.63 14.67 10.97
N GLY A 90 -10.12 15.91 11.09
CA GLY A 90 -10.35 16.57 12.35
C GLY A 90 -9.14 17.37 12.82
N LYS A 91 -9.42 18.37 13.66
CA LYS A 91 -8.36 19.26 14.12
C LYS A 91 -8.83 20.10 15.31
N TRP A 92 -7.87 20.54 16.10
CA TRP A 92 -8.14 21.41 17.22
C TRP A 92 -7.01 22.44 17.39
N GLU A 93 -7.31 23.52 18.09
CA GLU A 93 -6.30 24.47 18.54
C GLU A 93 -6.46 24.71 20.04
N GLY A 94 -5.41 25.21 20.67
CA GLY A 94 -5.49 25.44 22.11
C GLY A 94 -4.24 26.08 22.69
N GLU A 95 -4.18 26.07 24.01
CA GLU A 95 -3.14 26.69 24.81
C GLU A 95 -2.29 25.62 25.50
N LEU A 96 -0.97 25.74 25.38
CA LEU A 96 -0.06 24.80 26.02
C LEU A 96 0.10 25.09 27.50
N GLY A 97 0.24 24.03 28.29
CA GLY A 97 0.50 24.17 29.71
C GLY A 97 1.10 22.88 30.22
N THR A 98 1.35 22.83 31.52
CA THR A 98 1.72 21.57 32.17
C THR A 98 0.86 21.36 33.41
N ASP A 99 0.84 20.11 33.86
CA ASP A 99 0.09 19.75 35.06
C ASP A 99 0.45 18.31 35.41
N LEU A 100 0.06 17.91 36.62
CA LEU A 100 0.34 16.56 37.07
C LEU A 100 -0.73 15.63 36.51
N VAL A 101 -0.29 14.46 36.03
CA VAL A 101 -1.16 13.51 35.35
C VAL A 101 -0.96 12.14 35.99
N SER A 102 -2.04 11.37 36.07
CA SER A 102 -1.99 10.00 36.55
C SER A 102 -2.89 9.13 35.70
N ILE A 103 -2.62 7.83 35.74
CA ILE A 103 -3.43 6.82 35.07
C ILE A 103 -3.93 5.84 36.13
N PRO A 104 -5.17 6.00 36.60
CA PRO A 104 -5.66 5.16 37.71
C PRO A 104 -5.44 3.67 37.51
N HIS A 105 -5.83 3.12 36.36
CA HIS A 105 -5.55 1.72 36.04
C HIS A 105 -4.29 1.59 35.18
N GLY A 106 -3.21 2.21 35.66
CA GLY A 106 -1.93 2.20 35.02
C GLY A 106 -0.85 2.08 36.07
N PRO A 107 0.37 2.49 35.77
CA PRO A 107 1.41 2.50 36.79
C PRO A 107 1.06 3.49 37.90
N ASN A 108 1.52 3.19 39.11
CA ASN A 108 1.20 4.03 40.26
C ASN A 108 2.25 5.15 40.33
N VAL A 109 2.12 6.10 39.41
CA VAL A 109 3.04 7.22 39.27
C VAL A 109 2.26 8.49 38.94
N THR A 110 2.93 9.62 39.11
CA THR A 110 2.41 10.92 38.75
C THR A 110 3.49 11.68 38.01
N VAL A 111 3.18 12.19 36.81
CA VAL A 111 4.18 12.87 35.99
C VAL A 111 3.72 14.28 35.70
N ARG A 112 4.70 15.19 35.63
CA ARG A 112 4.42 16.52 35.09
C ARG A 112 4.56 16.45 33.58
N ALA A 113 3.46 16.73 32.88
CA ALA A 113 3.37 16.52 31.44
C ALA A 113 2.84 17.77 30.74
N ASN A 114 3.26 17.94 29.51
CA ASN A 114 2.66 18.95 28.64
C ASN A 114 1.20 18.59 28.36
N ILE A 115 0.33 19.58 28.46
CA ILE A 115 -1.08 19.43 28.08
C ILE A 115 -1.45 20.57 27.16
N ALA A 116 -2.13 20.23 26.07
CA ALA A 116 -2.76 21.23 25.21
C ALA A 116 -4.23 21.30 25.65
N ALA A 117 -4.61 22.45 26.19
CA ALA A 117 -5.99 22.71 26.57
C ALA A 117 -6.73 23.14 25.30
N ILE A 118 -7.52 22.23 24.75
CA ILE A 118 -8.24 22.49 23.51
C ILE A 118 -9.31 23.56 23.74
N THR A 119 -9.22 24.66 22.98
CA THR A 119 -10.22 25.72 23.09
C THR A 119 -11.15 25.80 21.89
N GLU A 120 -10.71 25.32 20.73
CA GLU A 120 -11.55 25.21 19.54
C GLU A 120 -11.23 23.91 18.83
N SER A 121 -12.23 23.34 18.17
CA SER A 121 -12.06 22.09 17.47
C SER A 121 -13.01 22.05 16.29
N ASP A 122 -12.65 21.25 15.30
CA ASP A 122 -13.46 21.03 14.11
C ASP A 122 -13.40 19.54 13.76
N LYS A 123 -14.56 18.88 13.77
CA LYS A 123 -14.68 17.46 13.41
C LYS A 123 -13.73 16.57 14.21
N PHE A 124 -13.58 16.87 15.51
CA PHE A 124 -12.70 16.12 16.39
C PHE A 124 -13.49 15.33 17.44
N PHE A 125 -14.20 16.01 18.32
CA PHE A 125 -15.01 15.31 19.30
C PHE A 125 -16.18 14.64 18.60
N ILE A 126 -16.57 13.48 19.13
CA ILE A 126 -17.58 12.63 18.52
C ILE A 126 -18.84 12.67 19.38
N ASN A 127 -19.99 12.83 18.73
CA ASN A 127 -21.24 12.92 19.48
C ASN A 127 -21.43 11.65 20.31
N GLY A 128 -21.55 11.81 21.63
CA GLY A 128 -21.69 10.69 22.54
C GLY A 128 -20.54 9.71 22.52
N SER A 129 -19.30 10.19 22.36
CA SER A 129 -18.19 9.25 22.24
C SER A 129 -17.72 8.77 23.60
N ASN A 130 -17.84 9.62 24.62
CA ASN A 130 -17.51 9.37 26.01
C ASN A 130 -16.02 9.59 26.32
N TRP A 131 -15.19 10.04 25.37
CA TRP A 131 -13.85 10.52 25.68
C TRP A 131 -13.77 12.01 25.45
N GLU A 132 -12.82 12.65 26.15
CA GLU A 132 -12.70 14.11 26.16
C GLU A 132 -11.32 14.61 25.77
N GLY A 133 -10.38 13.73 25.42
CA GLY A 133 -9.02 14.12 25.14
C GLY A 133 -8.29 13.03 24.38
N ILE A 134 -7.01 13.29 24.09
CA ILE A 134 -6.22 12.39 23.26
C ILE A 134 -4.81 12.27 23.83
N LEU A 135 -4.26 11.05 23.79
CA LEU A 135 -2.92 10.74 24.30
C LEU A 135 -2.08 10.29 23.11
N GLY A 136 -1.30 11.21 22.56
CA GLY A 136 -0.47 10.88 21.41
C GLY A 136 0.76 10.13 21.85
N LEU A 137 0.89 8.87 21.48
CA LEU A 137 1.97 8.03 22.01
C LEU A 137 3.16 7.91 21.05
N ALA A 138 3.12 8.59 19.90
CA ALA A 138 4.25 8.57 18.97
C ALA A 138 5.34 9.54 19.47
N TYR A 139 6.37 9.76 18.66
CA TYR A 139 7.60 10.43 19.08
C TYR A 139 7.55 11.94 18.89
N ALA A 140 8.46 12.63 19.60
CA ALA A 140 8.49 14.10 19.61
C ALA A 140 8.60 14.68 18.20
N GLU A 141 9.19 13.93 17.28
CA GLU A 141 9.43 14.43 15.94
C GLU A 141 8.15 14.94 15.24
N ILE A 142 6.99 14.38 15.57
CA ILE A 142 5.75 14.82 14.95
C ILE A 142 4.84 15.57 15.92
N ALA A 143 5.37 15.95 17.08
CA ALA A 143 4.61 16.79 18.00
C ALA A 143 4.45 18.20 17.45
N ARG A 144 3.28 18.80 17.70
CA ARG A 144 3.04 20.22 17.42
C ARG A 144 3.17 21.03 18.71
N PRO A 145 3.59 22.30 18.62
CA PRO A 145 3.98 22.97 17.37
C PRO A 145 5.31 22.52 16.79
N ASP A 146 6.19 21.92 17.59
CA ASP A 146 7.45 21.40 17.08
C ASP A 146 7.96 20.31 18.03
N ASP A 147 9.11 19.75 17.69
CA ASP A 147 9.59 18.57 18.43
C ASP A 147 10.20 18.91 19.79
N SER A 148 10.12 20.14 20.24
CA SER A 148 10.59 20.46 21.58
C SER A 148 9.53 20.26 22.65
N LEU A 149 8.28 20.02 22.27
CA LEU A 149 7.22 19.69 23.23
C LEU A 149 7.34 18.19 23.55
N GLU A 150 7.91 17.89 24.70
CA GLU A 150 8.13 16.51 25.11
C GLU A 150 6.80 15.77 25.16
N PRO A 151 6.62 14.70 24.39
CA PRO A 151 5.37 13.93 24.46
C PRO A 151 5.19 13.27 25.82
N PHE A 152 3.92 12.92 26.09
CA PHE A 152 3.57 12.37 27.39
C PHE A 152 4.45 11.18 27.76
N PHE A 153 4.55 10.18 26.86
CA PHE A 153 5.23 8.94 27.25
C PHE A 153 6.71 9.17 27.49
N ASP A 154 7.30 10.12 26.76
CA ASP A 154 8.68 10.51 27.02
C ASP A 154 8.84 11.07 28.41
N SER A 155 7.88 11.91 28.84
CA SER A 155 7.90 12.44 30.20
C SER A 155 7.79 11.32 31.23
N LEU A 156 6.88 10.36 30.99
CA LEU A 156 6.69 9.23 31.90
C LEU A 156 8.00 8.47 32.12
N VAL A 157 8.72 8.14 31.05
CA VAL A 157 9.95 7.35 31.16
C VAL A 157 11.07 8.15 31.82
N LYS A 158 11.18 9.45 31.51
CA LYS A 158 12.25 10.25 32.12
C LYS A 158 12.02 10.46 33.61
N GLN A 159 10.78 10.69 34.02
CA GLN A 159 10.50 11.07 35.40
C GLN A 159 10.26 9.89 36.34
N THR A 160 10.13 8.66 35.81
CA THR A 160 9.81 7.50 36.62
C THR A 160 10.69 6.32 36.21
N HIS A 161 10.45 5.17 36.83
CA HIS A 161 11.18 3.95 36.48
C HIS A 161 10.43 3.07 35.49
N VAL A 162 9.32 3.54 34.94
CA VAL A 162 8.53 2.77 33.98
C VAL A 162 9.40 2.46 32.76
N PRO A 163 9.57 1.18 32.39
CA PRO A 163 10.36 0.85 31.20
C PRO A 163 9.77 1.43 29.93
N ASN A 164 10.65 1.69 28.95
CA ASN A 164 10.30 2.42 27.73
C ASN A 164 9.64 1.50 26.70
N LEU A 165 8.47 0.98 27.08
CA LEU A 165 7.61 0.29 26.12
C LEU A 165 6.19 0.21 26.69
N PHE A 166 5.25 -0.07 25.79
CA PHE A 166 3.86 -0.30 26.15
C PHE A 166 3.27 -1.23 25.11
N SER A 167 2.15 -1.84 25.44
CA SER A 167 1.52 -2.76 24.50
C SER A 167 0.02 -2.49 24.45
N LEU A 168 -0.56 -2.79 23.29
CA LEU A 168 -1.96 -2.51 23.04
C LEU A 168 -2.66 -3.80 22.62
N GLN A 169 -3.65 -4.19 23.38
CA GLN A 169 -4.57 -5.27 23.04
C GLN A 169 -5.94 -4.64 22.79
N LEU A 170 -6.27 -4.40 21.52
CA LEU A 170 -7.56 -3.84 21.14
C LEU A 170 -8.50 -4.96 20.74
N CYS A 171 -9.66 -5.01 21.39
CA CYS A 171 -10.64 -6.07 21.13
C CYS A 171 -11.83 -5.52 20.36
N GLY A 172 -12.36 -6.35 19.46
CA GLY A 172 -13.47 -5.97 18.62
C GLY A 172 -14.82 -6.22 19.26
N ALA A 173 -15.87 -5.84 18.52
CA ALA A 173 -17.25 -6.01 18.97
C ALA A 173 -17.74 -7.43 18.73
N SER A 185 -19.24 -1.52 24.09
CA SER A 185 -19.24 -2.07 22.75
C SER A 185 -17.90 -2.71 22.43
N VAL A 186 -16.78 -2.05 22.77
CA VAL A 186 -15.45 -2.61 22.61
C VAL A 186 -14.61 -2.26 23.82
N GLY A 187 -13.58 -3.07 24.08
CA GLY A 187 -12.65 -2.81 25.16
C GLY A 187 -11.25 -3.26 24.79
N GLY A 188 -10.34 -3.21 25.75
CA GLY A 188 -9.01 -3.72 25.53
C GLY A 188 -8.09 -3.37 26.69
N SER A 189 -6.79 -3.57 26.47
CA SER A 189 -5.78 -3.29 27.48
C SER A 189 -4.64 -2.47 26.89
N MET A 190 -4.15 -1.51 27.67
CA MET A 190 -2.87 -0.84 27.43
C MET A 190 -1.97 -1.15 28.63
N ILE A 191 -1.01 -2.06 28.42
CA ILE A 191 -0.03 -2.40 29.45
C ILE A 191 1.11 -1.40 29.34
N ILE A 192 1.26 -0.56 30.36
CA ILE A 192 2.25 0.51 30.35
C ILE A 192 3.49 0.02 31.09
N GLY A 193 4.59 -0.07 30.36
CA GLY A 193 5.86 -0.47 30.92
C GLY A 193 6.27 -1.91 30.72
N GLY A 194 5.52 -2.69 29.95
CA GLY A 194 5.89 -4.09 29.81
C GLY A 194 4.93 -4.87 28.92
N ILE A 195 5.08 -6.19 29.02
CA ILE A 195 4.33 -7.16 28.24
C ILE A 195 3.63 -8.10 29.21
N ASP A 196 2.32 -8.28 29.04
CA ASP A 196 1.55 -9.24 29.83
C ASP A 196 1.36 -10.50 29.02
N HIS A 197 1.94 -11.59 29.48
CA HIS A 197 1.98 -12.80 28.66
C HIS A 197 0.64 -13.54 28.60
N SER A 198 -0.27 -13.31 29.55
CA SER A 198 -1.60 -13.93 29.47
C SER A 198 -2.50 -13.28 28.43
N LEU A 199 -2.09 -12.16 27.85
CA LEU A 199 -2.91 -11.48 26.84
C LEU A 199 -2.71 -12.01 25.41
N TYR A 200 -1.76 -12.92 25.16
CA TYR A 200 -1.53 -13.42 23.80
C TYR A 200 -1.12 -14.88 23.83
N THR A 201 -1.28 -15.54 22.68
CA THR A 201 -0.82 -16.91 22.46
C THR A 201 0.19 -16.96 21.31
N GLY A 202 0.97 -18.03 21.27
CA GLY A 202 1.99 -18.14 20.25
C GLY A 202 3.20 -17.24 20.54
N SER A 203 3.93 -16.92 19.49
CA SER A 203 5.10 -16.09 19.65
C SER A 203 4.80 -14.66 19.25
N LEU A 204 5.52 -13.73 19.86
CA LEU A 204 5.60 -12.36 19.37
C LEU A 204 6.53 -12.31 18.17
N TRP A 205 6.11 -11.64 17.10
CA TRP A 205 6.95 -11.37 15.94
C TRP A 205 7.24 -9.87 15.80
N TYR A 206 8.51 -9.53 15.64
CA TYR A 206 8.92 -8.13 15.69
C TYR A 206 9.35 -7.61 14.33
N THR A 207 8.99 -6.36 14.07
CA THR A 207 9.38 -5.59 12.91
C THR A 207 10.08 -4.29 13.34
N PRO A 208 11.14 -3.88 12.66
CA PRO A 208 11.89 -2.68 13.11
C PRO A 208 11.06 -1.42 12.96
N ILE A 209 11.16 -0.55 13.96
CA ILE A 209 10.67 0.82 13.79
C ILE A 209 11.65 1.52 12.87
N ARG A 210 11.22 1.80 11.64
CA ARG A 210 12.13 2.34 10.64
C ARG A 210 12.64 3.71 11.03
N ARG A 211 11.81 4.53 11.67
CA ARG A 211 12.23 5.87 12.06
C ARG A 211 11.34 6.33 13.21
N GLU A 212 11.94 6.99 14.19
CA GLU A 212 11.21 7.40 15.40
C GLU A 212 10.53 8.76 15.18
N TRP A 213 9.40 8.70 14.48
CA TRP A 213 8.49 9.83 14.38
C TRP A 213 7.04 9.34 14.54
N TYR A 214 6.44 8.82 13.47
CA TYR A 214 5.35 7.86 13.63
C TYR A 214 5.96 6.53 14.04
N TYR A 215 5.10 5.54 14.33
CA TYR A 215 5.55 4.16 14.41
C TYR A 215 5.59 3.59 13.00
N GLU A 216 6.71 3.86 12.32
CA GLU A 216 6.86 3.52 10.91
C GLU A 216 7.48 2.13 10.76
N VAL A 217 6.88 1.33 9.88
CA VAL A 217 7.29 -0.02 9.59
C VAL A 217 7.36 -0.19 8.07
N ILE A 218 7.81 -1.36 7.64
CA ILE A 218 7.96 -1.67 6.22
C ILE A 218 7.18 -2.93 5.90
N ILE A 219 6.24 -2.81 4.99
CA ILE A 219 5.49 -3.94 4.46
C ILE A 219 6.21 -4.46 3.23
N VAL A 220 6.56 -5.75 3.23
CA VAL A 220 7.41 -6.28 2.17
C VAL A 220 6.65 -7.12 1.16
N ARG A 221 5.42 -7.50 1.46
CA ARG A 221 4.63 -8.37 0.59
C ARG A 221 3.18 -8.26 1.05
N VAL A 222 2.25 -8.39 0.09
CA VAL A 222 0.82 -8.36 0.35
C VAL A 222 0.17 -9.50 -0.40
N GLU A 223 -0.68 -10.26 0.29
CA GLU A 223 -1.42 -11.34 -0.33
C GLU A 223 -2.89 -11.22 -0.01
N ILE A 224 -3.73 -11.55 -0.97
CA ILE A 224 -5.18 -11.62 -0.79
C ILE A 224 -5.62 -13.03 -1.17
N ASN A 225 -6.22 -13.74 -0.21
CA ASN A 225 -6.57 -15.16 -0.38
C ASN A 225 -5.41 -15.98 -0.92
N GLY A 226 -4.21 -15.68 -0.41
CA GLY A 226 -3.04 -16.44 -0.77
C GLY A 226 -2.39 -16.03 -2.07
N GLN A 227 -3.00 -15.12 -2.82
CA GLN A 227 -2.47 -14.69 -4.10
C GLN A 227 -1.69 -13.39 -3.88
N ASP A 228 -0.43 -13.38 -4.30
CA ASP A 228 0.42 -12.20 -4.15
C ASP A 228 -0.10 -11.06 -5.03
N LEU A 229 -0.23 -9.87 -4.42
CA LEU A 229 -0.64 -8.70 -5.20
C LEU A 229 0.35 -8.38 -6.32
N LYS A 230 1.59 -8.84 -6.20
CA LYS A 230 2.62 -8.67 -7.23
C LYS A 230 2.74 -7.19 -7.65
N MET A 231 3.04 -6.36 -6.67
CA MET A 231 3.41 -4.98 -6.92
C MET A 231 4.84 -4.77 -6.44
N ASP A 232 5.51 -3.79 -7.01
CA ASP A 232 6.76 -3.34 -6.43
C ASP A 232 6.49 -3.01 -4.98
N CYS A 233 7.21 -3.68 -4.07
CA CYS A 233 6.85 -3.55 -2.66
C CYS A 233 7.00 -2.12 -2.16
N LYS A 234 7.74 -1.26 -2.89
CA LYS A 234 7.78 0.16 -2.56
C LYS A 234 6.39 0.79 -2.57
N GLU A 235 5.49 0.28 -3.41
CA GLU A 235 4.13 0.83 -3.45
C GLU A 235 3.43 0.69 -2.12
N TYR A 236 3.72 -0.37 -1.36
CA TYR A 236 3.06 -0.57 -0.06
C TYR A 236 3.50 0.45 0.96
N ASN A 237 4.67 1.04 0.80
CA ASN A 237 5.25 1.94 1.79
C ASN A 237 5.43 3.34 1.24
N TYR A 238 4.59 3.71 0.27
CA TYR A 238 4.66 5.00 -0.40
C TYR A 238 3.60 5.94 0.20
N ASP A 239 4.02 6.94 0.97
CA ASP A 239 5.41 7.30 1.26
C ASP A 239 5.90 6.79 2.64
N LYS A 240 5.03 6.11 3.37
CA LYS A 240 5.40 5.47 4.62
C LYS A 240 4.31 4.48 4.98
N SER A 241 4.63 3.58 5.90
CA SER A 241 3.64 2.72 6.55
C SER A 241 3.74 2.92 8.05
N ILE A 242 2.59 3.10 8.72
CA ILE A 242 2.56 3.37 10.15
C ILE A 242 1.55 2.47 10.85
N VAL A 243 1.76 2.28 12.16
CA VAL A 243 0.84 1.57 13.04
C VAL A 243 0.12 2.60 13.90
N ASP A 244 -1.20 2.71 13.72
CA ASP A 244 -1.95 3.87 14.19
C ASP A 244 -3.25 3.46 14.87
N SER A 245 -3.25 3.47 16.21
CA SER A 245 -4.47 3.12 16.94
C SER A 245 -5.54 4.20 16.89
N GLY A 246 -5.20 5.41 16.43
CA GLY A 246 -6.16 6.49 16.31
C GLY A 246 -6.85 6.57 14.95
N THR A 247 -6.54 5.65 14.04
CA THR A 247 -7.23 5.56 12.77
C THR A 247 -8.01 4.25 12.74
N THR A 248 -9.27 4.32 12.34
CA THR A 248 -10.11 3.13 12.33
C THR A 248 -9.70 2.17 11.21
N ASN A 249 -9.48 2.69 10.01
CA ASN A 249 -9.40 1.82 8.86
C ASN A 249 -7.97 1.34 8.61
N LEU A 250 -7.87 0.29 7.80
CA LEU A 250 -6.70 0.03 6.99
C LEU A 250 -6.74 1.02 5.83
N ARG A 251 -5.75 1.90 5.75
CA ARG A 251 -5.70 2.86 4.66
C ARG A 251 -4.54 2.51 3.73
N LEU A 252 -4.80 2.49 2.43
CA LEU A 252 -3.78 2.05 1.48
C LEU A 252 -3.47 3.13 0.44
N PRO A 253 -2.23 3.21 -0.02
CA PRO A 253 -1.91 4.12 -1.11
C PRO A 253 -2.75 3.80 -2.34
N LYS A 254 -3.08 4.86 -3.09
CA LYS A 254 -4.00 4.79 -4.24
C LYS A 254 -3.79 3.55 -5.10
N LYS A 255 -2.55 3.32 -5.51
CA LYS A 255 -2.26 2.18 -6.39
C LYS A 255 -2.56 0.86 -5.68
N VAL A 256 -2.14 0.72 -4.42
CA VAL A 256 -2.37 -0.52 -3.67
C VAL A 256 -3.84 -0.71 -3.37
N PHE A 257 -4.54 0.39 -3.02
CA PHE A 257 -5.97 0.33 -2.74
C PHE A 257 -6.75 -0.22 -3.94
N GLU A 258 -6.45 0.30 -5.13
CA GLU A 258 -7.15 -0.15 -6.33
C GLU A 258 -6.93 -1.65 -6.56
N ALA A 259 -5.68 -2.10 -6.49
CA ALA A 259 -5.40 -3.52 -6.65
C ALA A 259 -6.16 -4.34 -5.61
N ALA A 260 -6.15 -3.88 -4.35
CA ALA A 260 -6.80 -4.65 -3.30
C ALA A 260 -8.32 -4.74 -3.53
N VAL A 261 -8.98 -3.61 -3.82
CA VAL A 261 -10.43 -3.60 -4.00
C VAL A 261 -10.84 -4.39 -5.24
N LYS A 262 -10.10 -4.25 -6.34
CA LYS A 262 -10.36 -5.09 -7.50
C LYS A 262 -10.33 -6.57 -7.12
N SER A 263 -9.40 -6.94 -6.24
CA SER A 263 -9.24 -8.33 -5.83
C SER A 263 -10.33 -8.77 -4.86
N ILE A 264 -10.71 -7.89 -3.94
CA ILE A 264 -11.78 -8.22 -3.02
C ILE A 264 -13.12 -8.25 -3.75
N LYS A 265 -13.28 -7.43 -4.80
CA LYS A 265 -14.50 -7.47 -5.59
C LYS A 265 -14.63 -8.81 -6.31
N ALA A 266 -13.58 -9.24 -6.99
CA ALA A 266 -13.62 -10.51 -7.71
C ALA A 266 -13.88 -11.68 -6.75
N ALA A 267 -13.26 -11.65 -5.56
CA ALA A 267 -13.49 -12.73 -4.61
C ALA A 267 -14.95 -12.78 -4.15
N SER A 268 -15.61 -11.63 -4.05
CA SER A 268 -16.97 -11.57 -3.54
C SER A 268 -18.00 -11.33 -4.64
N SER A 269 -17.61 -11.48 -5.91
CA SER A 269 -18.51 -11.14 -7.01
C SER A 269 -19.77 -11.99 -7.04
N THR A 270 -19.83 -13.07 -6.26
CA THR A 270 -21.06 -13.84 -6.10
C THR A 270 -22.22 -12.98 -5.62
N GLU A 271 -21.95 -11.83 -5.00
CA GLU A 271 -22.98 -10.87 -4.63
C GLU A 271 -22.56 -9.50 -5.12
N LYS A 272 -23.54 -8.61 -5.27
CA LYS A 272 -23.30 -7.30 -5.84
C LYS A 272 -23.41 -6.22 -4.77
N PHE A 273 -22.48 -5.29 -4.79
CA PHE A 273 -22.48 -4.23 -3.80
C PHE A 273 -22.48 -2.87 -4.50
N PRO A 274 -23.16 -1.88 -3.92
CA PRO A 274 -23.10 -0.53 -4.49
C PRO A 274 -21.67 -0.03 -4.57
N ASP A 275 -21.34 0.65 -5.68
CA ASP A 275 -20.00 1.23 -5.81
C ASP A 275 -19.68 2.23 -4.70
N GLY A 276 -20.69 2.66 -3.94
CA GLY A 276 -20.47 3.47 -2.75
C GLY A 276 -20.17 2.69 -1.49
N PHE A 277 -20.38 1.37 -1.52
CA PHE A 277 -19.94 0.53 -0.41
C PHE A 277 -18.43 0.41 -0.40
N TRP A 278 -17.82 0.21 -1.56
CA TRP A 278 -16.37 0.12 -1.70
C TRP A 278 -15.67 1.42 -1.39
N LEU A 279 -16.41 2.53 -1.30
CA LEU A 279 -15.86 3.81 -0.91
C LEU A 279 -16.11 4.14 0.56
N GLY A 280 -16.64 3.20 1.32
CA GLY A 280 -16.84 3.41 2.74
C GLY A 280 -18.03 4.29 3.07
N GLU A 281 -18.80 4.71 2.07
CA GLU A 281 -19.93 5.61 2.30
C GLU A 281 -21.19 4.84 2.69
N GLN A 282 -21.63 3.91 1.85
CA GLN A 282 -22.86 3.17 2.09
C GLN A 282 -22.58 1.92 2.91
N LEU A 283 -23.58 1.53 3.70
CA LEU A 283 -23.54 0.27 4.41
C LEU A 283 -23.94 -0.87 3.49
N VAL A 284 -23.73 -2.08 3.98
CA VAL A 284 -24.32 -3.28 3.41
C VAL A 284 -24.94 -4.03 4.59
N CYS A 285 -26.12 -4.60 4.38
CA CYS A 285 -26.79 -5.32 5.45
C CYS A 285 -27.27 -6.65 4.96
N TRP A 286 -27.24 -7.63 5.86
CA TRP A 286 -27.75 -8.98 5.64
C TRP A 286 -28.62 -9.36 6.82
N GLN A 287 -29.57 -10.26 6.55
CA GLN A 287 -30.35 -10.87 7.61
C GLN A 287 -29.41 -11.43 8.68
N ALA A 288 -29.61 -10.98 9.93
CA ALA A 288 -28.71 -11.33 11.02
C ALA A 288 -28.36 -12.82 11.01
N GLY A 289 -27.07 -13.10 11.20
CA GLY A 289 -26.57 -14.45 11.19
C GLY A 289 -26.37 -15.04 9.81
N THR A 290 -26.68 -14.30 8.75
CA THR A 290 -26.46 -14.78 7.39
C THR A 290 -25.34 -14.02 6.69
N THR A 291 -24.49 -13.32 7.45
CA THR A 291 -23.36 -12.60 6.86
C THR A 291 -22.47 -13.58 6.11
N PRO A 292 -22.32 -13.43 4.79
CA PRO A 292 -21.55 -14.38 3.95
C PRO A 292 -20.05 -14.17 4.11
N TRP A 293 -19.53 -14.51 5.28
CA TRP A 293 -18.12 -14.26 5.58
C TRP A 293 -17.22 -14.91 4.55
N ASN A 294 -17.60 -16.08 4.04
CA ASN A 294 -16.73 -16.92 3.24
C ASN A 294 -16.47 -16.35 1.85
N ILE A 295 -17.22 -15.33 1.43
CA ILE A 295 -16.99 -14.75 0.11
C ILE A 295 -16.05 -13.57 0.14
N PHE A 296 -15.62 -13.12 1.32
CA PHE A 296 -14.60 -12.09 1.39
C PHE A 296 -13.26 -12.71 1.72
N PRO A 297 -12.19 -12.26 1.07
CA PRO A 297 -10.89 -12.89 1.24
C PRO A 297 -10.22 -12.50 2.54
N VAL A 298 -9.23 -13.29 2.92
CA VAL A 298 -8.29 -12.89 3.97
C VAL A 298 -7.20 -12.05 3.31
N ILE A 299 -6.65 -11.11 4.05
CA ILE A 299 -5.56 -10.25 3.58
C ILE A 299 -4.35 -10.54 4.43
N SER A 300 -3.22 -10.81 3.79
CA SER A 300 -1.98 -11.03 4.50
C SER A 300 -0.99 -9.89 4.23
N LEU A 301 -0.53 -9.27 5.30
CA LEU A 301 0.53 -8.27 5.27
C LEU A 301 1.81 -8.89 5.81
N TYR A 302 2.87 -8.88 5.00
CA TYR A 302 4.18 -9.36 5.45
C TYR A 302 5.03 -8.16 5.86
N LEU A 303 5.57 -8.21 7.07
CA LEU A 303 6.36 -7.14 7.66
C LEU A 303 7.81 -7.57 7.76
N MET A 304 8.72 -6.62 7.57
CA MET A 304 10.13 -6.86 7.71
C MET A 304 10.45 -7.47 9.07
N GLY A 305 11.28 -8.50 9.07
CA GLY A 305 11.72 -9.16 10.29
C GLY A 305 12.94 -8.51 10.94
N GLU A 306 13.43 -9.17 11.98
CA GLU A 306 14.60 -8.76 12.74
C GLU A 306 15.92 -9.32 12.20
N VAL A 307 15.90 -10.37 11.39
CA VAL A 307 17.14 -10.90 10.83
C VAL A 307 17.09 -10.80 9.31
N THR A 308 18.27 -10.97 8.71
CA THR A 308 18.47 -10.77 7.28
C THR A 308 17.55 -11.67 6.49
N ASN A 309 16.86 -11.09 5.51
CA ASN A 309 16.03 -11.82 4.57
C ASN A 309 14.88 -12.52 5.26
N GLN A 310 14.53 -12.11 6.47
CA GLN A 310 13.44 -12.74 7.22
C GLN A 310 12.30 -11.75 7.44
N SER A 311 11.08 -12.25 7.28
CA SER A 311 9.86 -11.52 7.54
C SER A 311 8.89 -12.43 8.28
N PHE A 312 7.69 -11.90 8.53
CA PHE A 312 6.57 -12.63 9.11
C PHE A 312 5.30 -12.01 8.54
N ARG A 313 4.16 -12.68 8.69
CA ARG A 313 2.93 -12.12 8.15
C ARG A 313 1.82 -12.08 9.20
N ILE A 314 0.97 -11.08 9.06
CA ILE A 314 -0.28 -11.02 9.83
C ILE A 314 -1.42 -11.24 8.84
N THR A 315 -2.40 -12.02 9.24
CA THR A 315 -3.54 -12.29 8.36
C THR A 315 -4.78 -11.67 8.97
N ILE A 316 -5.53 -10.92 8.14
CA ILE A 316 -6.70 -10.16 8.55
C ILE A 316 -7.94 -10.84 8.00
N LEU A 317 -8.95 -11.02 8.84
CA LEU A 317 -10.18 -11.60 8.34
C LEU A 317 -11.17 -10.52 7.93
N PRO A 318 -12.16 -10.85 7.10
CA PRO A 318 -13.23 -9.89 6.81
C PRO A 318 -13.96 -9.40 8.06
N GLN A 319 -14.03 -10.20 9.12
CA GLN A 319 -14.60 -9.73 10.37
C GLN A 319 -13.85 -8.53 10.94
N GLN A 320 -12.62 -8.27 10.48
CA GLN A 320 -11.88 -7.09 10.90
C GLN A 320 -12.10 -5.89 9.97
N TYR A 321 -12.01 -6.08 8.66
CA TYR A 321 -12.14 -4.93 7.77
C TYR A 321 -13.56 -4.69 7.28
N LEU A 322 -14.54 -5.49 7.72
CA LEU A 322 -15.96 -5.13 7.62
C LEU A 322 -16.40 -4.73 9.01
N ARG A 323 -16.46 -3.44 9.26
CA ARG A 323 -16.69 -2.91 10.59
C ARG A 323 -18.18 -2.87 10.86
N PRO A 324 -18.64 -3.40 12.00
CA PRO A 324 -20.09 -3.38 12.28
C PRO A 324 -20.57 -1.98 12.66
N VAL A 325 -21.79 -1.65 12.22
CA VAL A 325 -22.40 -0.34 12.46
C VAL A 325 -23.85 -0.51 12.88
N GLU A 326 -24.39 0.54 13.52
CA GLU A 326 -25.78 0.54 13.97
C GLU A 326 -26.74 0.87 12.81
N ASP A 327 -27.87 0.16 12.77
CA ASP A 327 -28.88 0.39 11.73
C ASP A 327 -29.37 1.84 11.73
N SER A 331 -34.13 -2.46 12.68
CA SER A 331 -34.26 -3.80 12.13
C SER A 331 -33.40 -4.79 12.89
N GLN A 332 -33.37 -6.02 12.41
CA GLN A 332 -32.41 -7.01 12.91
C GLN A 332 -31.39 -7.43 11.86
N ASP A 333 -31.33 -6.73 10.72
CA ASP A 333 -30.28 -7.00 9.75
C ASP A 333 -28.91 -6.59 10.31
N ASP A 334 -27.91 -7.45 10.12
CA ASP A 334 -26.52 -7.10 10.44
C ASP A 334 -25.96 -6.18 9.37
N CYS A 335 -25.41 -5.03 9.79
CA CYS A 335 -24.93 -4.02 8.86
C CYS A 335 -23.45 -3.71 9.07
N TYR A 336 -22.75 -3.43 7.97
CA TYR A 336 -21.30 -3.25 8.02
C TYR A 336 -20.88 -2.16 7.05
N LYS A 337 -19.81 -1.45 7.43
CA LYS A 337 -19.15 -0.49 6.58
C LYS A 337 -17.80 -1.08 6.15
N PHE A 338 -17.41 -0.82 4.90
CA PHE A 338 -16.12 -1.27 4.40
C PHE A 338 -15.01 -0.40 4.97
N ALA A 339 -14.13 -0.99 5.79
CA ALA A 339 -13.17 -0.23 6.57
C ALA A 339 -11.76 -0.29 5.98
N ILE A 340 -11.66 -0.45 4.67
CA ILE A 340 -10.44 -0.19 3.92
C ILE A 340 -10.67 1.03 3.06
N SER A 341 -9.80 2.02 3.19
CA SER A 341 -9.99 3.24 2.42
C SER A 341 -8.68 3.66 1.76
N GLN A 342 -8.82 4.57 0.80
CA GLN A 342 -7.70 5.07 0.01
C GLN A 342 -6.96 6.16 0.77
N SER A 343 -5.65 6.19 0.62
CA SER A 343 -4.80 7.15 1.30
C SER A 343 -3.88 7.83 0.30
N SER A 344 -3.45 9.05 0.62
CA SER A 344 -2.41 9.72 -0.15
C SER A 344 -1.25 10.10 0.74
N THR A 345 -1.18 9.55 1.96
CA THR A 345 -0.07 9.79 2.87
C THR A 345 0.50 8.48 3.39
N GLY A 346 0.32 7.38 2.66
CA GLY A 346 0.92 6.10 2.96
C GLY A 346 -0.08 5.08 3.49
N THR A 347 0.45 3.92 3.86
CA THR A 347 -0.35 2.89 4.49
C THR A 347 -0.54 3.23 5.97
N VAL A 348 -1.75 2.98 6.47
CA VAL A 348 -2.06 3.11 7.90
C VAL A 348 -2.64 1.78 8.36
N MET A 349 -1.95 1.13 9.29
CA MET A 349 -2.47 -0.04 9.96
C MET A 349 -3.26 0.48 11.14
N GLY A 350 -4.57 0.64 10.95
CA GLY A 350 -5.42 1.22 11.94
C GLY A 350 -5.98 0.21 12.94
N ALA A 351 -7.00 0.64 13.68
CA ALA A 351 -7.57 -0.17 14.75
C ALA A 351 -8.11 -1.48 14.22
N VAL A 352 -8.62 -1.46 13.00
CA VAL A 352 -9.17 -2.64 12.35
C VAL A 352 -8.10 -3.71 12.16
N ILE A 353 -6.86 -3.30 11.84
CA ILE A 353 -5.76 -4.25 11.71
C ILE A 353 -5.29 -4.71 13.08
N MET A 354 -5.26 -3.80 14.06
CA MET A 354 -4.72 -4.13 15.37
C MET A 354 -5.68 -4.98 16.20
N GLU A 355 -6.99 -4.96 15.89
CA GLU A 355 -7.97 -5.77 16.63
C GLU A 355 -7.59 -7.23 16.58
N GLY A 356 -7.61 -7.88 17.73
CA GLY A 356 -7.28 -9.27 17.71
C GLY A 356 -5.81 -9.59 17.76
N PHE A 357 -4.93 -8.59 17.73
CA PHE A 357 -3.52 -8.86 17.92
C PHE A 357 -3.10 -8.13 19.18
N TYR A 358 -2.06 -8.67 19.81
CA TYR A 358 -1.37 -8.01 20.90
C TYR A 358 -0.16 -7.33 20.27
N VAL A 359 -0.06 -6.01 20.42
CA VAL A 359 0.92 -5.20 19.70
C VAL A 359 1.85 -4.53 20.70
N VAL A 360 3.14 -4.89 20.65
CA VAL A 360 4.12 -4.36 21.58
C VAL A 360 4.86 -3.22 20.90
N PHE A 361 4.76 -2.02 21.46
CA PHE A 361 5.53 -0.87 20.99
C PHE A 361 6.78 -0.79 21.84
N ASP A 362 7.82 -1.52 21.38
CA ASP A 362 9.08 -1.67 22.10
C ASP A 362 10.02 -0.55 21.70
N ARG A 363 9.70 0.64 22.19
CA ARG A 363 10.52 1.82 21.92
C ARG A 363 11.98 1.60 22.32
N ALA A 364 12.21 0.91 23.45
CA ALA A 364 13.57 0.72 23.94
C ALA A 364 14.43 -0.03 22.94
N ARG A 365 13.84 -0.95 22.19
CA ARG A 365 14.58 -1.73 21.22
C ARG A 365 14.18 -1.42 19.78
N LYS A 366 13.53 -0.26 19.55
CA LYS A 366 13.12 0.22 18.24
C LYS A 366 12.45 -0.87 17.40
N ARG A 367 11.43 -1.51 17.96
CA ARG A 367 10.76 -2.59 17.25
C ARG A 367 9.32 -2.67 17.72
N ILE A 368 8.49 -3.27 16.88
CA ILE A 368 7.07 -3.47 17.17
C ILE A 368 6.76 -4.95 17.02
N GLY A 369 6.16 -5.54 18.06
CA GLY A 369 5.83 -6.95 18.06
C GLY A 369 4.35 -7.19 17.85
N PHE A 370 4.06 -8.27 17.12
CA PHE A 370 2.70 -8.74 16.89
C PHE A 370 2.55 -10.18 17.38
N ALA A 371 1.44 -10.43 18.06
CA ALA A 371 1.03 -11.80 18.39
C ALA A 371 -0.49 -11.86 18.34
N VAL A 372 -0.99 -13.09 18.16
CA VAL A 372 -2.43 -13.32 18.23
C VAL A 372 -2.94 -13.00 19.64
N SER A 373 -3.94 -12.14 19.71
CA SER A 373 -4.51 -11.70 20.98
C SER A 373 -5.33 -12.80 21.66
N ALA A 374 -5.49 -12.67 22.97
CA ALA A 374 -6.43 -13.50 23.69
C ALA A 374 -7.86 -13.23 23.26
N CYS A 375 -8.13 -12.08 22.63
CA CYS A 375 -9.45 -11.80 22.11
C CYS A 375 -9.43 -11.82 20.59
N HIS A 376 -8.88 -12.87 19.99
CA HIS A 376 -8.64 -12.81 18.56
C HIS A 376 -9.92 -13.13 17.78
N VAL A 377 -9.90 -12.73 16.50
CA VAL A 377 -11.03 -12.87 15.59
C VAL A 377 -10.91 -14.18 14.81
N HIS A 378 -11.92 -15.06 14.92
CA HIS A 378 -11.94 -16.28 14.11
C HIS A 378 -13.39 -16.67 13.80
N ASP A 379 -13.67 -17.01 12.53
CA ASP A 379 -14.93 -17.66 12.20
C ASP A 379 -14.72 -19.18 12.27
N GLU A 380 -15.61 -19.95 11.64
CA GLU A 380 -15.57 -21.40 11.78
C GLU A 380 -14.50 -22.09 10.92
N PHE A 381 -13.96 -21.41 9.92
CA PHE A 381 -13.06 -22.06 8.97
C PHE A 381 -11.77 -21.30 8.72
N ARG A 382 -11.63 -20.09 9.22
CA ARG A 382 -10.46 -19.28 8.99
C ARG A 382 -10.08 -18.65 10.32
N THR A 383 -8.80 -18.33 10.47
CA THR A 383 -8.37 -17.70 11.72
C THR A 383 -7.30 -16.64 11.42
N ALA A 384 -7.42 -15.50 12.10
CA ALA A 384 -6.37 -14.50 12.05
C ALA A 384 -5.11 -15.09 12.64
N ALA A 385 -3.96 -14.78 12.06
CA ALA A 385 -2.74 -15.44 12.46
C ALA A 385 -1.57 -14.46 12.43
N VAL A 386 -0.50 -14.83 13.14
CA VAL A 386 0.80 -14.18 13.02
C VAL A 386 1.81 -15.29 12.83
N GLU A 387 2.31 -15.45 11.60
CA GLU A 387 3.13 -16.61 11.21
C GLU A 387 4.48 -16.21 10.63
N GLY A 388 5.50 -16.98 11.01
CA GLY A 388 6.84 -16.85 10.47
C GLY A 388 7.71 -17.96 10.99
N PRO A 389 9.00 -17.99 10.62
CA PRO A 389 9.63 -17.00 9.74
C PRO A 389 9.37 -17.25 8.28
N PHE A 390 9.37 -16.19 7.49
CA PHE A 390 9.42 -16.27 6.05
C PHE A 390 10.74 -15.68 5.57
N VAL A 391 11.21 -16.18 4.44
CA VAL A 391 12.34 -15.56 3.78
C VAL A 391 11.74 -14.63 2.73
N THR A 392 12.27 -13.41 2.66
CA THR A 392 11.87 -12.40 1.69
C THR A 392 13.15 -11.70 1.27
N LEU A 393 13.40 -11.66 -0.03
CA LEU A 393 14.61 -11.05 -0.55
C LEU A 393 14.43 -9.55 -0.81
N ASP A 394 15.54 -8.83 -0.72
CA ASP A 394 15.62 -7.39 -1.02
C ASP A 394 14.60 -6.56 -0.24
N MET A 395 14.52 -6.80 1.07
CA MET A 395 13.52 -6.10 1.87
C MET A 395 13.82 -4.60 1.95
N GLU A 396 15.11 -4.21 1.83
CA GLU A 396 15.46 -2.80 1.91
C GLU A 396 14.91 -2.01 0.71
N ASP A 397 14.79 -2.65 -0.45
CA ASP A 397 14.18 -2.01 -1.62
C ASP A 397 12.73 -1.60 -1.38
N CYS A 398 12.08 -2.11 -0.32
CA CYS A 398 10.69 -1.79 -0.09
C CYS A 398 10.52 -0.45 0.61
N GLY A 399 11.56 0.03 1.28
CA GLY A 399 11.48 1.35 1.89
C GLY A 399 11.43 2.43 0.81
N TYR A 400 10.78 3.53 1.15
CA TYR A 400 10.67 4.63 0.19
C TYR A 400 11.49 5.83 0.65
N SER B 14 -13.42 31.08 15.74
CA SER B 14 -14.16 30.24 14.79
C SER B 14 -13.28 29.73 13.65
N PHE B 15 -12.02 30.17 13.65
CA PHE B 15 -11.14 29.98 12.51
C PHE B 15 -10.49 28.61 12.43
N VAL B 16 -10.67 27.73 13.43
CA VAL B 16 -10.02 26.43 13.37
C VAL B 16 -10.42 25.68 12.09
N GLU B 17 -11.64 25.92 11.57
CA GLU B 17 -12.04 25.25 10.33
C GLU B 17 -11.09 25.55 9.20
N MET B 18 -10.43 26.71 9.23
CA MET B 18 -9.59 27.17 8.14
C MET B 18 -8.12 26.86 8.36
N VAL B 19 -7.76 26.36 9.53
CA VAL B 19 -6.37 25.96 9.74
C VAL B 19 -6.02 24.82 8.80
N ASP B 20 -4.84 24.92 8.20
CA ASP B 20 -4.26 23.87 7.38
C ASP B 20 -5.05 23.63 6.09
N ASN B 21 -5.73 24.65 5.59
CA ASN B 21 -6.50 24.53 4.36
C ASN B 21 -5.70 24.83 3.09
N LEU B 22 -4.37 24.95 3.17
CA LEU B 22 -3.53 25.20 2.01
C LEU B 22 -2.56 24.05 1.76
N ARG B 23 -2.36 23.71 0.49
CA ARG B 23 -1.36 22.73 0.08
C ARG B 23 -0.53 23.34 -1.03
N GLY B 24 0.58 22.68 -1.34
CA GLY B 24 1.40 23.11 -2.46
C GLY B 24 2.65 22.26 -2.59
N LYS B 25 3.23 22.30 -3.78
CA LYS B 25 4.57 21.76 -4.00
C LYS B 25 5.56 22.91 -3.96
N SER B 26 6.72 22.65 -3.36
CA SER B 26 7.74 23.69 -3.24
C SER B 26 8.03 24.33 -4.59
N GLY B 27 8.08 25.66 -4.60
CA GLY B 27 8.33 26.39 -5.82
C GLY B 27 7.14 26.55 -6.73
N GLN B 28 5.98 25.99 -6.39
CA GLN B 28 4.82 26.04 -7.29
C GLN B 28 3.59 26.73 -6.67
N GLY B 29 3.77 27.55 -5.64
CA GLY B 29 2.65 28.25 -5.05
C GLY B 29 1.87 27.39 -4.07
N TYR B 30 0.99 28.04 -3.33
CA TYR B 30 0.08 27.38 -2.39
C TYR B 30 -1.33 27.49 -2.93
N TYR B 31 -2.12 26.42 -2.78
CA TYR B 31 -3.50 26.46 -3.25
C TYR B 31 -4.51 26.09 -2.16
N VAL B 32 -5.73 26.59 -2.33
CA VAL B 32 -6.87 26.30 -1.48
C VAL B 32 -7.95 25.67 -2.35
N GLU B 33 -8.76 24.80 -1.75
CA GLU B 33 -9.81 24.12 -2.48
C GLU B 33 -11.03 25.01 -2.53
N MET B 34 -11.63 25.12 -3.71
CA MET B 34 -12.85 25.89 -3.93
C MET B 34 -13.85 25.05 -4.72
N THR B 35 -15.10 25.50 -4.73
CA THR B 35 -16.10 24.99 -5.66
C THR B 35 -16.71 26.14 -6.44
N VAL B 36 -16.95 25.93 -7.73
CA VAL B 36 -17.65 26.90 -8.56
C VAL B 36 -18.77 26.19 -9.30
N GLY B 37 -19.88 26.90 -9.49
CA GLY B 37 -20.99 26.40 -10.26
C GLY B 37 -22.02 25.64 -9.45
N SER B 38 -23.17 25.44 -10.06
CA SER B 38 -24.25 24.64 -9.51
C SER B 38 -24.57 23.56 -10.53
N PRO B 39 -24.35 22.26 -10.22
CA PRO B 39 -23.78 21.72 -8.98
C PRO B 39 -22.29 22.04 -8.79
N PRO B 40 -21.80 21.98 -7.55
CA PRO B 40 -20.43 22.47 -7.27
C PRO B 40 -19.38 21.65 -8.01
N GLN B 41 -18.53 22.35 -8.76
CA GLN B 41 -17.35 21.76 -9.35
C GLN B 41 -16.13 22.10 -8.49
N THR B 42 -15.34 21.10 -8.14
CA THR B 42 -14.23 21.27 -7.21
C THR B 42 -12.94 21.55 -7.95
N LEU B 43 -12.25 22.62 -7.55
CA LEU B 43 -10.99 22.97 -8.16
C LEU B 43 -10.04 23.48 -7.09
N ASN B 44 -8.76 23.17 -7.26
CA ASN B 44 -7.70 23.70 -6.42
C ASN B 44 -7.24 25.03 -7.02
N ILE B 45 -7.20 26.06 -6.19
CA ILE B 45 -7.04 27.42 -6.64
C ILE B 45 -5.83 28.02 -5.91
N LEU B 46 -4.78 28.33 -6.68
CA LEU B 46 -3.60 28.95 -6.12
C LEU B 46 -3.94 30.34 -5.58
N VAL B 47 -3.44 30.66 -4.39
CA VAL B 47 -3.74 31.93 -3.71
C VAL B 47 -2.59 32.90 -3.97
N ASP B 48 -2.91 34.05 -4.58
CA ASP B 48 -1.94 34.98 -5.12
C ASP B 48 -2.24 36.39 -4.60
N THR B 49 -1.45 36.88 -3.65
CA THR B 49 -1.66 38.26 -3.22
C THR B 49 -1.04 39.26 -4.17
N GLY B 50 -0.45 38.81 -5.28
CA GLY B 50 0.20 39.69 -6.23
C GLY B 50 -0.54 39.90 -7.53
N SER B 51 -1.84 39.60 -7.56
CA SER B 51 -2.69 39.86 -8.72
C SER B 51 -4.14 39.94 -8.25
N SER B 52 -5.05 40.25 -9.17
CA SER B 52 -6.42 40.55 -8.77
C SER B 52 -7.46 39.87 -9.63
N ASN B 53 -7.07 38.85 -10.40
CA ASN B 53 -8.02 38.13 -11.22
C ASN B 53 -8.24 36.72 -10.69
N PHE B 54 -9.51 36.32 -10.64
CA PHE B 54 -9.91 34.95 -10.35
C PHE B 54 -10.12 34.22 -11.67
N ALA B 55 -9.30 33.21 -11.92
CA ALA B 55 -9.33 32.54 -13.21
C ALA B 55 -9.11 31.06 -13.02
N VAL B 56 -9.79 30.26 -13.83
CA VAL B 56 -9.70 28.81 -13.75
C VAL B 56 -9.48 28.26 -15.15
N GLY B 57 -8.76 27.13 -15.22
CA GLY B 57 -8.75 26.35 -16.45
C GLY B 57 -10.17 26.01 -16.87
N ALA B 58 -10.51 26.21 -18.14
CA ALA B 58 -11.87 25.95 -18.62
C ALA B 58 -11.86 25.14 -19.90
N ALA B 59 -10.74 24.52 -20.23
CA ALA B 59 -10.55 23.77 -21.46
C ALA B 59 -9.46 22.75 -21.19
N PRO B 60 -9.40 21.66 -21.96
CA PRO B 60 -8.36 20.65 -21.72
C PRO B 60 -6.97 21.25 -21.82
N HIS B 61 -6.06 20.75 -20.99
CA HIS B 61 -4.68 21.20 -21.04
C HIS B 61 -3.84 20.03 -20.55
N PRO B 62 -2.66 19.80 -21.15
CA PRO B 62 -1.84 18.64 -20.73
C PRO B 62 -1.57 18.59 -19.24
N PHE B 63 -1.36 19.75 -18.60
CA PHE B 63 -0.99 19.81 -17.20
C PHE B 63 -2.18 19.91 -16.27
N LEU B 64 -3.40 20.06 -16.79
CA LEU B 64 -4.60 20.17 -15.97
C LEU B 64 -5.20 18.78 -15.73
N HIS B 65 -5.49 18.47 -14.47
CA HIS B 65 -6.13 17.22 -14.10
C HIS B 65 -7.65 17.30 -14.16
N ARG B 66 -8.22 18.50 -14.06
CA ARG B 66 -9.64 18.73 -14.25
C ARG B 66 -9.79 20.18 -14.68
N TYR B 67 -11.01 20.60 -15.00
CA TYR B 67 -11.22 21.99 -15.35
C TYR B 67 -12.69 22.38 -15.25
N TYR B 68 -12.92 23.69 -15.12
CA TYR B 68 -14.25 24.26 -15.09
C TYR B 68 -14.99 23.98 -16.39
N GLN B 69 -16.22 23.50 -16.28
CA GLN B 69 -17.07 23.20 -17.44
C GLN B 69 -18.33 24.05 -17.34
N ARG B 70 -18.34 25.20 -18.05
CA ARG B 70 -19.42 26.16 -17.90
C ARG B 70 -20.77 25.61 -18.33
N GLN B 71 -20.79 24.76 -19.36
CA GLN B 71 -22.04 24.20 -19.85
C GLN B 71 -22.75 23.36 -18.80
N LEU B 72 -22.04 22.88 -17.78
CA LEU B 72 -22.61 22.04 -16.74
C LEU B 72 -23.09 22.80 -15.51
N SER B 73 -22.96 24.12 -15.48
CA SER B 73 -23.38 24.93 -14.35
C SER B 73 -24.60 25.75 -14.75
N SER B 74 -25.69 25.60 -13.97
CA SER B 74 -26.90 26.36 -14.29
C SER B 74 -26.80 27.82 -13.87
N THR B 75 -25.91 28.14 -12.92
CA THR B 75 -25.73 29.51 -12.47
C THR B 75 -24.66 30.26 -13.23
N TYR B 76 -24.03 29.64 -14.23
CA TYR B 76 -23.04 30.34 -15.02
C TYR B 76 -23.70 31.42 -15.86
N ARG B 77 -23.12 32.62 -15.85
CA ARG B 77 -23.52 33.69 -16.74
C ARG B 77 -22.30 34.13 -17.55
N ASP B 78 -22.47 34.28 -18.85
CA ASP B 78 -21.41 34.72 -19.75
C ASP B 78 -21.46 36.23 -19.87
N LEU B 79 -20.32 36.88 -19.61
CA LEU B 79 -20.21 38.33 -19.70
C LEU B 79 -19.86 38.81 -21.10
N ARG B 80 -19.53 37.91 -22.01
CA ARG B 80 -19.30 38.22 -23.42
C ARG B 80 -18.19 39.25 -23.62
N LYS B 81 -17.17 39.21 -22.76
CA LYS B 81 -15.94 39.98 -22.95
C LYS B 81 -14.76 39.04 -22.83
N GLY B 82 -13.72 39.36 -23.55
CA GLY B 82 -12.48 38.63 -23.44
C GLY B 82 -11.57 39.28 -22.41
N VAL B 83 -10.55 38.52 -22.03
CA VAL B 83 -9.64 38.96 -20.98
C VAL B 83 -8.34 38.20 -21.13
N TYR B 84 -7.24 38.86 -20.79
CA TYR B 84 -5.94 38.21 -20.69
C TYR B 84 -5.20 38.86 -19.54
N VAL B 85 -4.29 38.13 -18.92
CA VAL B 85 -3.49 38.65 -17.83
C VAL B 85 -2.02 38.33 -18.09
N PRO B 86 -1.16 39.34 -18.29
CA PRO B 86 0.28 39.07 -18.40
C PRO B 86 0.97 39.25 -17.06
N TYR B 87 1.46 38.17 -16.46
CA TYR B 87 2.19 38.21 -15.20
C TYR B 87 3.66 38.53 -15.45
N THR B 88 4.44 38.62 -14.38
CA THR B 88 5.88 38.79 -14.55
C THR B 88 6.49 37.63 -15.34
N GLN B 89 5.97 36.41 -15.13
CA GLN B 89 6.29 35.28 -15.98
C GLN B 89 5.02 34.46 -16.16
N GLY B 90 4.65 34.19 -17.40
CA GLY B 90 3.45 33.45 -17.70
C GLY B 90 2.27 34.37 -17.98
N LYS B 91 1.29 33.81 -18.70
CA LYS B 91 0.12 34.57 -19.09
C LYS B 91 -0.96 33.61 -19.58
N TRP B 92 -2.21 34.07 -19.50
CA TRP B 92 -3.36 33.33 -20.00
C TRP B 92 -4.37 34.30 -20.59
N GLU B 93 -5.24 33.78 -21.45
CA GLU B 93 -6.41 34.50 -21.91
C GLU B 93 -7.64 33.60 -21.74
N GLY B 94 -8.81 34.23 -21.73
CA GLY B 94 -10.04 33.49 -21.60
C GLY B 94 -11.24 34.40 -21.68
N GLU B 95 -12.39 33.84 -21.32
CA GLU B 95 -13.67 34.55 -21.37
C GLU B 95 -14.14 34.88 -19.96
N LEU B 96 -14.53 36.14 -19.77
CA LEU B 96 -15.09 36.54 -18.50
C LEU B 96 -16.51 36.02 -18.34
N GLY B 97 -16.86 35.68 -17.12
CA GLY B 97 -18.21 35.28 -16.76
C GLY B 97 -18.37 35.46 -15.28
N THR B 98 -19.54 35.06 -14.78
CA THR B 98 -19.75 34.94 -13.35
C THR B 98 -20.36 33.59 -13.04
N ASP B 99 -20.26 33.20 -11.78
CA ASP B 99 -20.81 31.95 -11.27
C ASP B 99 -20.70 31.97 -9.76
N LEU B 100 -21.36 31.02 -9.12
CA LEU B 100 -21.33 30.90 -7.67
C LEU B 100 -20.08 30.17 -7.25
N VAL B 101 -19.45 30.66 -6.18
CA VAL B 101 -18.17 30.16 -5.70
C VAL B 101 -18.31 29.91 -4.20
N SER B 102 -17.65 28.87 -3.72
CA SER B 102 -17.60 28.56 -2.30
C SER B 102 -16.21 28.09 -1.96
N ILE B 103 -15.88 28.18 -0.68
CA ILE B 103 -14.62 27.68 -0.17
C ILE B 103 -14.92 26.63 0.89
N PRO B 104 -14.81 25.35 0.55
CA PRO B 104 -15.15 24.29 1.52
C PRO B 104 -14.53 24.46 2.89
N HIS B 105 -13.22 24.62 2.98
CA HIS B 105 -12.55 24.87 4.25
C HIS B 105 -12.33 26.36 4.47
N GLY B 106 -13.41 27.12 4.34
CA GLY B 106 -13.41 28.54 4.55
C GLY B 106 -14.66 28.98 5.29
N PRO B 107 -15.04 30.24 5.13
CA PRO B 107 -16.32 30.68 5.68
C PRO B 107 -17.47 29.95 4.98
N ASN B 108 -18.57 29.80 5.72
CA ASN B 108 -19.73 29.08 5.21
C ASN B 108 -20.59 30.06 4.42
N VAL B 109 -20.08 30.40 3.23
CA VAL B 109 -20.70 31.40 2.38
C VAL B 109 -20.63 30.96 0.93
N THR B 110 -21.43 31.62 0.09
CA THR B 110 -21.42 31.45 -1.35
C THR B 110 -21.51 32.83 -1.99
N VAL B 111 -20.59 33.15 -2.87
CA VAL B 111 -20.62 34.46 -3.50
C VAL B 111 -20.74 34.28 -5.00
N ARG B 112 -21.45 35.21 -5.64
CA ARG B 112 -21.38 35.31 -7.09
C ARG B 112 -20.17 36.19 -7.42
N ALA B 113 -19.21 35.63 -8.15
CA ALA B 113 -17.93 36.28 -8.39
C ALA B 113 -17.56 36.21 -9.87
N ASN B 114 -16.79 37.21 -10.30
CA ASN B 114 -16.20 37.17 -11.63
C ASN B 114 -15.24 36.01 -11.76
N ILE B 115 -15.38 35.25 -12.86
CA ILE B 115 -14.47 34.16 -13.18
C ILE B 115 -14.02 34.36 -14.61
N ALA B 116 -12.71 34.24 -14.85
CA ALA B 116 -12.18 34.18 -16.20
C ALA B 116 -11.99 32.72 -16.57
N ALA B 117 -12.70 32.28 -17.60
CA ALA B 117 -12.54 30.91 -18.08
C ALA B 117 -11.30 30.86 -18.96
N ILE B 118 -10.19 30.34 -18.43
CA ILE B 118 -8.94 30.31 -19.17
C ILE B 118 -9.07 29.33 -20.33
N THR B 119 -8.87 29.82 -21.56
CA THR B 119 -8.89 28.96 -22.74
C THR B 119 -7.52 28.74 -23.37
N GLU B 120 -6.57 29.65 -23.21
CA GLU B 120 -5.20 29.44 -23.67
C GLU B 120 -4.25 30.09 -22.67
N SER B 121 -3.06 29.50 -22.55
CA SER B 121 -2.10 29.97 -21.58
C SER B 121 -0.70 29.67 -22.09
N ASP B 122 0.26 30.42 -21.57
CA ASP B 122 1.66 30.22 -21.91
C ASP B 122 2.50 30.27 -20.64
N LYS B 123 3.20 29.16 -20.36
CA LYS B 123 4.09 29.07 -19.20
C LYS B 123 3.37 29.47 -17.91
N PHE B 124 2.11 29.04 -17.80
CA PHE B 124 1.28 29.32 -16.63
C PHE B 124 1.06 28.06 -15.81
N PHE B 125 0.36 27.06 -16.36
CA PHE B 125 0.15 25.81 -15.66
C PHE B 125 1.44 25.02 -15.55
N ILE B 126 1.59 24.31 -14.44
CA ILE B 126 2.81 23.59 -14.11
C ILE B 126 2.56 22.09 -14.20
N ASN B 127 3.51 21.37 -14.78
CA ASN B 127 3.38 19.92 -14.93
C ASN B 127 3.23 19.26 -13.57
N GLY B 128 2.10 18.57 -13.40
CA GLY B 128 1.80 17.90 -12.14
C GLY B 128 1.69 18.83 -10.95
N SER B 129 1.14 20.03 -11.15
CA SER B 129 1.13 21.01 -10.06
C SER B 129 0.00 20.75 -9.06
N ASN B 130 -1.12 20.24 -9.55
CA ASN B 130 -2.31 19.88 -8.78
C ASN B 130 -3.17 21.11 -8.47
N TRP B 131 -2.85 22.28 -8.98
CA TRP B 131 -3.83 23.36 -8.94
C TRP B 131 -4.29 23.66 -10.35
N GLU B 132 -5.46 24.25 -10.46
CA GLU B 132 -6.05 24.46 -11.77
C GLU B 132 -6.49 25.90 -12.03
N GLY B 133 -6.28 26.81 -11.08
CA GLY B 133 -6.77 28.16 -11.21
C GLY B 133 -6.02 29.05 -10.25
N ILE B 134 -6.38 30.33 -10.24
CA ILE B 134 -5.68 31.33 -9.44
C ILE B 134 -6.70 32.26 -8.82
N LEU B 135 -6.47 32.61 -7.56
CA LEU B 135 -7.34 33.51 -6.82
C LEU B 135 -6.52 34.77 -6.56
N GLY B 136 -6.71 35.78 -7.40
CA GLY B 136 -6.02 37.05 -7.22
C GLY B 136 -6.65 37.85 -6.09
N LEU B 137 -5.89 38.04 -5.01
CA LEU B 137 -6.38 38.65 -3.79
C LEU B 137 -6.02 40.14 -3.64
N ALA B 138 -5.35 40.74 -4.62
CA ALA B 138 -5.01 42.16 -4.55
C ALA B 138 -6.21 43.03 -4.92
N TYR B 139 -5.97 44.31 -5.11
CA TYR B 139 -7.04 45.29 -5.29
C TYR B 139 -7.44 45.46 -6.76
N ALA B 140 -8.64 46.00 -6.95
CA ALA B 140 -9.20 46.18 -8.28
C ALA B 140 -8.30 46.98 -9.21
N GLU B 141 -7.46 47.85 -8.66
CA GLU B 141 -6.65 48.73 -9.50
C GLU B 141 -5.78 47.96 -10.49
N ILE B 142 -5.40 46.72 -10.18
CA ILE B 142 -4.59 45.90 -11.08
C ILE B 142 -5.37 44.73 -11.67
N ALA B 143 -6.70 44.76 -11.59
CA ALA B 143 -7.50 43.75 -12.25
C ALA B 143 -7.45 43.92 -13.77
N ARG B 144 -7.47 42.79 -14.49
CA ARG B 144 -7.67 42.87 -15.93
C ARG B 144 -9.12 42.49 -16.28
N PRO B 145 -9.71 43.06 -17.33
CA PRO B 145 -9.12 44.08 -18.21
C PRO B 145 -8.95 45.47 -17.61
N ASP B 146 -9.70 45.84 -16.57
CA ASP B 146 -9.56 47.15 -15.93
C ASP B 146 -10.14 47.06 -14.52
N ASP B 147 -10.12 48.19 -13.78
CA ASP B 147 -10.50 48.12 -12.37
C ASP B 147 -11.99 48.04 -12.15
N SER B 148 -12.78 47.87 -13.20
CA SER B 148 -14.21 47.68 -13.01
C SER B 148 -14.58 46.23 -12.79
N LEU B 149 -13.67 45.30 -13.04
CA LEU B 149 -13.92 43.88 -12.79
C LEU B 149 -13.62 43.62 -11.31
N GLU B 150 -14.68 43.58 -10.50
CA GLU B 150 -14.53 43.42 -9.06
C GLU B 150 -13.77 42.14 -8.71
N PRO B 151 -12.65 42.22 -7.98
CA PRO B 151 -11.93 41.01 -7.58
C PRO B 151 -12.76 40.15 -6.63
N PHE B 152 -12.38 38.88 -6.53
CA PHE B 152 -13.15 37.94 -5.70
C PHE B 152 -13.34 38.46 -4.28
N PHE B 153 -12.26 38.86 -3.62
CA PHE B 153 -12.36 39.16 -2.19
C PHE B 153 -13.24 40.38 -1.94
N ASP B 154 -13.28 41.31 -2.90
CA ASP B 154 -14.20 42.43 -2.80
C ASP B 154 -15.64 41.94 -2.86
N SER B 155 -15.93 41.01 -3.77
CA SER B 155 -17.25 40.40 -3.84
C SER B 155 -17.58 39.69 -2.53
N LEU B 156 -16.62 38.95 -1.99
CA LEU B 156 -16.82 38.25 -0.72
C LEU B 156 -17.25 39.21 0.38
N VAL B 157 -16.52 40.32 0.52
CA VAL B 157 -16.82 41.28 1.58
C VAL B 157 -18.15 41.99 1.32
N LYS B 158 -18.43 42.34 0.06
CA LYS B 158 -19.66 43.07 -0.26
C LYS B 158 -20.89 42.20 -0.04
N GLN B 159 -20.83 40.92 -0.42
CA GLN B 159 -22.01 40.07 -0.44
C GLN B 159 -22.27 39.36 0.87
N THR B 160 -21.32 39.35 1.81
CA THR B 160 -21.48 38.60 3.05
C THR B 160 -21.03 39.49 4.19
N HIS B 161 -21.01 38.90 5.39
CA HIS B 161 -20.57 39.58 6.58
C HIS B 161 -19.10 39.32 6.91
N VAL B 162 -18.36 38.68 6.01
CA VAL B 162 -16.95 38.38 6.24
C VAL B 162 -16.17 39.67 6.45
N PRO B 163 -15.46 39.82 7.57
CA PRO B 163 -14.66 41.03 7.78
C PRO B 163 -13.56 41.18 6.74
N ASN B 164 -13.22 42.43 6.46
CA ASN B 164 -12.35 42.82 5.35
C ASN B 164 -10.87 42.64 5.71
N LEU B 165 -10.48 41.38 5.91
CA LEU B 165 -9.07 41.00 6.02
C LEU B 165 -8.93 39.50 5.88
N PHE B 166 -7.70 39.08 5.63
CA PHE B 166 -7.33 37.67 5.61
C PHE B 166 -5.87 37.56 6.01
N SER B 167 -5.47 36.36 6.38
CA SER B 167 -4.11 36.12 6.79
C SER B 167 -3.57 34.84 6.14
N LEU B 168 -2.27 34.81 5.94
CA LEU B 168 -1.60 33.71 5.25
C LEU B 168 -0.47 33.16 6.12
N GLN B 169 -0.55 31.88 6.43
CA GLN B 169 0.56 31.16 7.06
C GLN B 169 1.08 30.18 6.01
N LEU B 170 2.15 30.54 5.32
CA LEU B 170 2.75 29.66 4.33
C LEU B 170 3.90 28.91 5.00
N CYS B 171 3.86 27.60 4.97
CA CYS B 171 4.86 26.78 5.64
C CYS B 171 5.86 26.24 4.63
N GLY B 172 7.12 26.14 5.06
CA GLY B 172 8.15 25.67 4.18
C GLY B 172 8.23 24.17 4.15
N ALA B 173 9.07 23.67 3.25
CA ALA B 173 9.24 22.23 3.06
C ALA B 173 10.14 21.62 4.13
N SER B 185 3.93 18.12 -0.18
CA SER B 185 5.26 18.67 0.07
C SER B 185 5.27 19.90 1.02
N VAL B 186 4.35 20.86 0.84
CA VAL B 186 4.23 22.01 1.74
C VAL B 186 2.74 22.30 1.98
N GLY B 187 2.47 22.97 3.09
CA GLY B 187 1.11 23.35 3.41
C GLY B 187 1.00 24.70 4.11
N GLY B 188 -0.21 25.05 4.55
CA GLY B 188 -0.38 26.30 5.24
C GLY B 188 -1.85 26.56 5.51
N SER B 189 -2.13 27.81 5.91
CA SER B 189 -3.48 28.26 6.21
C SER B 189 -3.73 29.60 5.56
N MET B 190 -4.95 29.77 5.04
CA MET B 190 -5.52 31.06 4.68
C MET B 190 -6.74 31.22 5.59
N ILE B 191 -6.61 32.07 6.61
CA ILE B 191 -7.71 32.40 7.49
C ILE B 191 -8.44 33.57 6.86
N ILE B 192 -9.66 33.34 6.40
CA ILE B 192 -10.42 34.37 5.72
C ILE B 192 -11.33 35.07 6.72
N GLY B 193 -11.13 36.37 6.90
CA GLY B 193 -11.99 37.13 7.75
C GLY B 193 -11.49 37.40 9.15
N GLY B 194 -10.25 37.05 9.46
CA GLY B 194 -9.77 37.27 10.80
C GLY B 194 -8.36 36.76 11.01
N ILE B 195 -7.97 36.73 12.27
CA ILE B 195 -6.63 36.34 12.70
C ILE B 195 -6.79 35.17 13.65
N ASP B 196 -6.06 34.09 13.39
CA ASP B 196 -6.04 32.91 14.25
C ASP B 196 -4.75 32.90 15.06
N HIS B 197 -4.88 33.03 16.39
CA HIS B 197 -3.71 33.22 17.25
C HIS B 197 -2.86 31.96 17.41
N SER B 198 -3.36 30.78 17.08
CA SER B 198 -2.52 29.59 17.15
C SER B 198 -1.52 29.51 16.00
N LEU B 199 -1.65 30.36 14.98
CA LEU B 199 -0.75 30.33 13.83
C LEU B 199 0.54 31.12 14.04
N TYR B 200 0.67 31.85 15.14
CA TYR B 200 1.88 32.63 15.34
C TYR B 200 2.24 32.73 16.82
N THR B 201 3.51 33.02 17.06
CA THR B 201 4.04 33.35 18.38
C THR B 201 4.60 34.78 18.38
N GLY B 202 4.76 35.35 19.58
CA GLY B 202 5.21 36.72 19.66
C GLY B 202 4.12 37.71 19.24
N SER B 203 4.56 38.88 18.83
CA SER B 203 3.62 39.90 18.42
C SER B 203 3.55 40.05 16.91
N LEU B 204 2.41 40.55 16.46
CA LEU B 204 2.26 41.07 15.11
C LEU B 204 2.83 42.48 15.01
N TRP B 205 3.62 42.74 13.97
CA TRP B 205 4.14 44.06 13.64
C TRP B 205 3.55 44.50 12.30
N TYR B 206 3.01 45.70 12.24
CA TYR B 206 2.27 46.14 11.07
C TYR B 206 3.04 47.21 10.32
N THR B 207 2.95 47.15 9.00
CA THR B 207 3.50 48.16 8.12
C THR B 207 2.38 48.70 7.23
N PRO B 208 2.35 50.00 6.97
CA PRO B 208 1.21 50.57 6.20
C PRO B 208 1.19 50.06 4.78
N ILE B 209 -0.02 49.81 4.28
CA ILE B 209 -0.19 49.60 2.85
C ILE B 209 -0.07 50.97 2.19
N ARG B 210 0.99 51.17 1.40
CA ARG B 210 1.21 52.51 0.86
C ARG B 210 0.12 52.92 -0.11
N ARG B 211 -0.38 51.99 -0.90
CA ARG B 211 -1.39 52.28 -1.89
C ARG B 211 -2.10 50.97 -2.19
N GLU B 212 -3.42 51.03 -2.35
CA GLU B 212 -4.24 49.85 -2.56
C GLU B 212 -4.27 49.51 -4.05
N TRP B 213 -3.22 48.86 -4.52
CA TRP B 213 -3.23 48.23 -5.85
C TRP B 213 -2.60 46.85 -5.76
N TYR B 214 -1.27 46.77 -5.76
CA TYR B 214 -0.62 45.64 -5.12
C TYR B 214 -0.69 45.84 -3.62
N TYR B 215 -0.25 44.84 -2.86
CA TYR B 215 -0.02 45.08 -1.44
C TYR B 215 1.35 45.75 -1.35
N GLU B 216 1.36 47.06 -1.50
CA GLU B 216 2.59 47.81 -1.54
C GLU B 216 2.97 48.28 -0.15
N VAL B 217 4.24 48.10 0.19
CA VAL B 217 4.83 48.46 1.47
C VAL B 217 6.12 49.24 1.21
N ILE B 218 6.75 49.73 2.28
CA ILE B 218 7.97 50.50 2.15
C ILE B 218 9.08 49.86 2.98
N ILE B 219 10.16 49.49 2.31
CA ILE B 219 11.37 48.98 2.94
C ILE B 219 12.29 50.16 3.22
N VAL B 220 12.69 50.32 4.48
CA VAL B 220 13.45 51.50 4.90
C VAL B 220 14.90 51.21 5.16
N ARG B 221 15.30 49.94 5.21
CA ARG B 221 16.68 49.56 5.50
C ARG B 221 16.84 48.09 5.16
N VAL B 222 18.03 47.72 4.70
CA VAL B 222 18.37 46.33 4.42
C VAL B 222 19.72 46.03 5.06
N GLU B 223 19.81 44.92 5.78
CA GLU B 223 21.06 44.47 6.38
C GLU B 223 21.29 43.04 5.95
N ILE B 224 22.55 42.73 5.64
CA ILE B 224 22.97 41.38 5.31
C ILE B 224 24.10 41.03 6.24
N ASN B 225 23.95 39.94 6.99
CA ASN B 225 24.90 39.57 8.04
C ASN B 225 25.09 40.70 9.06
N GLY B 226 24.00 41.41 9.37
CA GLY B 226 24.03 42.45 10.38
C GLY B 226 24.59 43.78 9.92
N GLN B 227 25.14 43.84 8.72
CA GLN B 227 25.80 45.02 8.18
C GLN B 227 24.85 45.72 7.21
N ASP B 228 24.72 47.04 7.35
CA ASP B 228 23.87 47.81 6.46
C ASP B 228 24.38 47.79 5.03
N LEU B 229 23.47 47.49 4.08
CA LEU B 229 23.78 47.57 2.66
C LEU B 229 24.15 48.98 2.20
N LYS B 230 23.83 50.01 2.98
CA LYS B 230 24.25 51.40 2.71
C LYS B 230 23.91 51.86 1.30
N MET B 231 22.64 51.79 0.96
CA MET B 231 22.11 52.37 -0.26
C MET B 231 21.06 53.39 0.10
N ASP B 232 20.84 54.37 -0.77
CA ASP B 232 19.67 55.22 -0.66
C ASP B 232 18.43 54.32 -0.63
N CYS B 233 17.61 54.45 0.43
CA CYS B 233 16.51 53.53 0.63
C CYS B 233 15.46 53.61 -0.49
N LYS B 234 15.47 54.67 -1.28
CA LYS B 234 14.63 54.69 -2.49
C LYS B 234 14.97 53.51 -3.38
N GLU B 235 16.23 53.08 -3.39
CA GLU B 235 16.65 51.95 -4.22
C GLU B 235 15.91 50.67 -3.86
N TYR B 236 15.57 50.48 -2.57
CA TYR B 236 14.86 49.27 -2.18
C TYR B 236 13.42 49.27 -2.70
N ASN B 237 12.87 50.44 -2.99
CA ASN B 237 11.47 50.57 -3.35
C ASN B 237 11.31 51.14 -4.75
N TYR B 238 12.31 50.92 -5.59
CA TYR B 238 12.34 51.42 -6.95
C TYR B 238 11.97 50.28 -7.89
N ASP B 239 10.76 50.33 -8.48
CA ASP B 239 9.79 51.42 -8.35
C ASP B 239 8.63 51.12 -7.36
N LYS B 240 8.64 49.94 -6.74
CA LYS B 240 7.67 49.61 -5.70
C LYS B 240 8.19 48.39 -4.95
N SER B 241 7.61 48.16 -3.77
CA SER B 241 7.83 46.93 -3.04
C SER B 241 6.46 46.34 -2.75
N ILE B 242 6.28 45.06 -3.05
CA ILE B 242 4.99 44.40 -2.89
C ILE B 242 5.17 43.11 -2.12
N VAL B 243 4.08 42.63 -1.51
CA VAL B 243 4.04 41.32 -0.86
C VAL B 243 3.24 40.38 -1.74
N ASP B 244 3.89 39.34 -2.24
CA ASP B 244 3.37 38.58 -3.38
C ASP B 244 3.48 37.08 -3.08
N SER B 245 2.38 36.45 -2.68
CA SER B 245 2.39 35.01 -2.40
C SER B 245 2.46 34.16 -3.67
N GLY B 246 2.26 34.75 -4.85
CA GLY B 246 2.35 34.07 -6.12
C GLY B 246 3.72 34.13 -6.77
N THR B 247 4.70 34.72 -6.11
CA THR B 247 6.06 34.77 -6.58
C THR B 247 6.89 33.95 -5.61
N THR B 248 7.77 33.10 -6.15
CA THR B 248 8.57 32.26 -5.29
C THR B 248 9.67 33.06 -4.59
N ASN B 249 10.39 33.88 -5.34
CA ASN B 249 11.65 34.41 -4.87
C ASN B 249 11.49 35.72 -4.11
N LEU B 250 12.53 36.08 -3.40
CA LEU B 250 12.76 37.48 -3.10
C LEU B 250 13.34 38.11 -4.35
N ARG B 251 12.62 39.07 -4.95
CA ARG B 251 13.10 39.75 -6.14
C ARG B 251 13.48 41.17 -5.78
N LEU B 252 14.68 41.58 -6.17
CA LEU B 252 15.27 42.86 -5.80
C LEU B 252 15.59 43.68 -7.03
N PRO B 253 15.47 45.00 -6.96
CA PRO B 253 15.88 45.85 -8.08
C PRO B 253 17.35 45.66 -8.41
N LYS B 254 17.66 45.81 -9.71
CA LYS B 254 19.01 45.54 -10.24
C LYS B 254 20.14 46.02 -9.33
N LYS B 255 20.09 47.31 -8.95
CA LYS B 255 21.16 47.87 -8.13
C LYS B 255 21.22 47.20 -6.76
N VAL B 256 20.06 46.93 -6.15
CA VAL B 256 20.01 46.29 -4.84
C VAL B 256 20.42 44.82 -4.94
N PHE B 257 19.98 44.13 -6.00
CA PHE B 257 20.35 42.74 -6.19
C PHE B 257 21.86 42.57 -6.27
N GLU B 258 22.52 43.41 -7.07
CA GLU B 258 23.97 43.32 -7.19
C GLU B 258 24.63 43.48 -5.82
N ALA B 259 24.22 44.51 -5.08
CA ALA B 259 24.77 44.71 -3.75
C ALA B 259 24.55 43.49 -2.86
N ALA B 260 23.33 42.94 -2.87
CA ALA B 260 23.02 41.83 -1.97
C ALA B 260 23.85 40.60 -2.29
N VAL B 261 23.96 40.27 -3.58
CA VAL B 261 24.71 39.09 -3.98
C VAL B 261 26.18 39.26 -3.62
N LYS B 262 26.74 40.46 -3.84
CA LYS B 262 28.10 40.73 -3.42
C LYS B 262 28.28 40.50 -1.92
N SER B 263 27.29 40.90 -1.12
CA SER B 263 27.40 40.74 0.33
C SER B 263 27.23 39.28 0.75
N ILE B 264 26.34 38.54 0.08
CA ILE B 264 26.19 37.13 0.39
C ILE B 264 27.39 36.33 -0.13
N LYS B 265 28.04 36.80 -1.20
CA LYS B 265 29.25 36.14 -1.69
C LYS B 265 30.36 36.22 -0.67
N ALA B 266 30.61 37.41 -0.13
CA ALA B 266 31.67 37.56 0.87
C ALA B 266 31.38 36.74 2.12
N ALA B 267 30.14 36.73 2.59
CA ALA B 267 29.80 35.98 3.79
C ALA B 267 29.99 34.48 3.61
N SER B 268 29.81 33.97 2.39
CA SER B 268 29.93 32.55 2.09
C SER B 268 31.19 32.23 1.27
N SER B 269 32.14 33.16 1.18
CA SER B 269 33.31 32.98 0.31
C SER B 269 34.18 31.82 0.74
N THR B 270 33.98 31.29 1.95
CA THR B 270 34.66 30.07 2.37
C THR B 270 34.44 28.91 1.41
N GLU B 271 33.40 28.96 0.58
CA GLU B 271 33.19 27.97 -0.48
C GLU B 271 32.92 28.69 -1.79
N LYS B 272 33.15 27.97 -2.89
CA LYS B 272 33.07 28.53 -4.24
C LYS B 272 31.81 27.99 -4.91
N PHE B 273 31.08 28.90 -5.55
CA PHE B 273 29.86 28.51 -6.24
C PHE B 273 29.91 29.00 -7.68
N PRO B 274 29.37 28.21 -8.62
CA PRO B 274 29.28 28.70 -10.01
C PRO B 274 28.51 30.00 -10.07
N ASP B 275 29.00 30.93 -10.91
CA ASP B 275 28.30 32.20 -11.09
C ASP B 275 26.88 32.00 -11.60
N GLY B 276 26.54 30.81 -12.10
CA GLY B 276 25.18 30.50 -12.48
C GLY B 276 24.31 30.04 -11.34
N PHE B 277 24.92 29.74 -10.19
CA PHE B 277 24.13 29.49 -8.99
C PHE B 277 23.54 30.78 -8.48
N TRP B 278 24.35 31.85 -8.44
CA TRP B 278 23.88 33.15 -8.01
C TRP B 278 22.87 33.74 -8.99
N LEU B 279 22.78 33.19 -10.19
CA LEU B 279 21.81 33.61 -11.19
C LEU B 279 20.60 32.70 -11.24
N GLY B 280 20.47 31.76 -10.30
CA GLY B 280 19.29 30.93 -10.21
C GLY B 280 19.19 29.84 -11.25
N GLU B 281 20.21 29.70 -12.09
CA GLU B 281 20.20 28.71 -13.15
C GLU B 281 20.70 27.37 -12.63
N GLN B 282 21.89 27.34 -12.05
CA GLN B 282 22.50 26.12 -11.56
C GLN B 282 22.15 25.87 -10.10
N LEU B 283 22.03 24.60 -9.74
CA LEU B 283 21.87 24.18 -8.36
C LEU B 283 23.21 24.11 -7.64
N VAL B 284 23.13 23.94 -6.33
CA VAL B 284 24.25 23.58 -5.47
C VAL B 284 23.76 22.41 -4.62
N CYS B 285 24.64 21.44 -4.39
CA CYS B 285 24.24 20.28 -3.59
C CYS B 285 25.34 19.94 -2.60
N TRP B 286 24.91 19.43 -1.45
CA TRP B 286 25.81 18.92 -0.43
C TRP B 286 25.32 17.55 -0.02
N GLN B 287 26.26 16.70 0.38
CA GLN B 287 25.93 15.44 0.99
C GLN B 287 24.90 15.68 2.09
N ALA B 288 23.77 14.99 2.00
CA ALA B 288 22.62 15.24 2.87
C ALA B 288 23.02 15.43 4.32
N GLY B 289 22.43 16.43 4.95
CA GLY B 289 22.73 16.73 6.33
C GLY B 289 24.03 17.49 6.57
N THR B 290 24.80 17.79 5.52
CA THR B 290 26.03 18.55 5.65
C THR B 290 25.89 19.94 5.03
N THR B 291 24.66 20.40 4.83
CA THR B 291 24.42 21.73 4.28
C THR B 291 25.03 22.78 5.21
N PRO B 292 26.01 23.56 4.76
CA PRO B 292 26.71 24.55 5.62
C PRO B 292 25.89 25.81 5.83
N TRP B 293 24.78 25.68 6.56
CA TRP B 293 23.86 26.81 6.74
C TRP B 293 24.56 28.02 7.33
N ASN B 294 25.51 27.79 8.24
CA ASN B 294 26.11 28.86 9.01
C ASN B 294 27.07 29.74 8.21
N ILE B 295 27.44 29.34 6.99
CA ILE B 295 28.30 30.19 6.17
C ILE B 295 27.48 31.14 5.31
N PHE B 296 26.16 31.04 5.34
CA PHE B 296 25.30 32.01 4.65
C PHE B 296 24.69 33.00 5.64
N PRO B 297 24.67 34.27 5.30
CA PRO B 297 24.19 35.28 6.24
C PRO B 297 22.66 35.32 6.33
N VAL B 298 22.22 35.91 7.42
CA VAL B 298 20.82 36.27 7.53
C VAL B 298 20.63 37.62 6.85
N ILE B 299 19.44 37.82 6.31
CA ILE B 299 19.05 39.06 5.67
C ILE B 299 17.92 39.68 6.47
N SER B 300 18.08 40.94 6.86
CA SER B 300 17.03 41.66 7.57
C SER B 300 16.45 42.75 6.69
N LEU B 301 15.12 42.71 6.51
CA LEU B 301 14.37 43.76 5.85
C LEU B 301 13.64 44.57 6.91
N TYR B 302 13.91 45.88 6.98
CA TYR B 302 13.23 46.79 7.89
C TYR B 302 12.07 47.45 7.15
N LEU B 303 10.90 47.44 7.76
CA LEU B 303 9.70 47.98 7.15
C LEU B 303 9.18 49.18 7.93
N MET B 304 8.60 50.13 7.21
CA MET B 304 8.00 51.28 7.85
C MET B 304 6.98 50.84 8.89
N GLY B 305 7.08 51.43 10.08
CA GLY B 305 6.18 51.15 11.19
C GLY B 305 4.89 51.95 11.12
N GLU B 306 4.15 51.87 12.22
CA GLU B 306 2.90 52.58 12.43
C GLU B 306 3.03 53.89 13.19
N VAL B 307 4.11 54.11 13.94
CA VAL B 307 4.26 55.39 14.62
C VAL B 307 5.51 56.10 14.14
N THR B 308 5.57 57.39 14.46
CA THR B 308 6.59 58.28 13.91
C THR B 308 8.00 57.77 14.18
N ASN B 309 8.77 57.63 13.11
CA ASN B 309 10.19 57.29 13.18
C ASN B 309 10.41 55.89 13.70
N GLN B 310 9.37 55.06 13.64
CA GLN B 310 9.44 53.69 14.14
C GLN B 310 9.31 52.71 12.99
N SER B 311 10.28 51.82 12.87
CA SER B 311 10.28 50.69 11.95
C SER B 311 10.28 49.38 12.73
N PHE B 312 10.31 48.27 11.99
CA PHE B 312 10.51 46.96 12.57
C PHE B 312 11.20 46.15 11.49
N ARG B 313 11.79 45.02 11.86
CA ARG B 313 12.46 44.20 10.86
C ARG B 313 11.99 42.74 10.89
N ILE B 314 12.04 42.11 9.72
CA ILE B 314 11.89 40.66 9.58
C ILE B 314 13.23 40.09 9.14
N THR B 315 13.64 38.98 9.73
CA THR B 315 14.94 38.39 9.40
C THR B 315 14.74 37.05 8.74
N ILE B 316 15.38 36.85 7.60
CA ILE B 316 15.23 35.64 6.81
C ILE B 316 16.53 34.86 6.85
N LEU B 317 16.41 33.56 7.03
CA LEU B 317 17.55 32.67 7.09
C LEU B 317 17.87 32.12 5.71
N PRO B 318 19.10 31.62 5.50
CA PRO B 318 19.39 30.92 4.24
C PRO B 318 18.47 29.74 4.01
N GLN B 319 17.95 29.11 5.05
CA GLN B 319 16.95 28.06 4.86
C GLN B 319 15.72 28.56 4.10
N GLN B 320 15.51 29.88 4.06
CA GLN B 320 14.42 30.44 3.27
C GLN B 320 14.88 30.79 1.87
N TYR B 321 16.04 31.44 1.72
CA TYR B 321 16.42 31.88 0.40
C TYR B 321 17.31 30.88 -0.35
N LEU B 322 17.63 29.74 0.26
CA LEU B 322 18.15 28.58 -0.47
C LEU B 322 16.99 27.59 -0.59
N ARG B 323 16.38 27.55 -1.75
CA ARG B 323 15.13 26.80 -1.90
C ARG B 323 15.41 25.35 -2.23
N PRO B 324 14.78 24.39 -1.53
CA PRO B 324 15.06 22.98 -1.82
C PRO B 324 14.44 22.56 -3.15
N VAL B 325 15.17 21.70 -3.87
CA VAL B 325 14.75 21.25 -5.19
C VAL B 325 14.88 19.75 -5.33
N SER B 331 19.13 11.12 -6.28
CA SER B 331 20.35 11.13 -5.48
C SER B 331 20.03 11.15 -3.99
N GLN B 332 21.07 11.23 -3.16
CA GLN B 332 20.87 11.51 -1.75
C GLN B 332 21.47 12.85 -1.31
N ASP B 333 22.05 13.63 -2.22
CA ASP B 333 22.50 14.96 -1.87
C ASP B 333 21.31 15.93 -1.75
N ASP B 334 21.33 16.76 -0.70
CA ASP B 334 20.37 17.85 -0.58
C ASP B 334 20.74 18.96 -1.56
N CYS B 335 19.82 19.36 -2.43
CA CYS B 335 20.10 20.36 -3.46
C CYS B 335 19.22 21.59 -3.30
N TYR B 336 19.79 22.74 -3.66
CA TYR B 336 19.11 24.01 -3.46
C TYR B 336 19.36 24.94 -4.64
N LYS B 337 18.35 25.74 -4.95
CA LYS B 337 18.47 26.80 -5.91
C LYS B 337 18.47 28.12 -5.15
N PHE B 338 19.26 29.07 -5.65
CA PHE B 338 19.30 30.41 -5.06
C PHE B 338 18.02 31.14 -5.43
N ALA B 339 17.23 31.48 -4.39
CA ALA B 339 15.88 32.01 -4.57
C ALA B 339 15.81 33.52 -4.29
N ILE B 340 16.92 34.23 -4.52
CA ILE B 340 16.93 35.69 -4.65
C ILE B 340 17.30 35.99 -6.08
N SER B 341 16.46 36.75 -6.77
CA SER B 341 16.72 37.03 -8.17
C SER B 341 16.57 38.50 -8.47
N GLN B 342 17.05 38.88 -9.65
CA GLN B 342 17.01 40.26 -10.10
C GLN B 342 15.63 40.61 -10.65
N SER B 343 15.19 41.83 -10.37
CA SER B 343 13.90 42.35 -10.81
C SER B 343 14.12 43.71 -11.45
N SER B 344 13.24 44.08 -12.38
CA SER B 344 13.24 45.42 -12.94
C SER B 344 11.90 46.11 -12.76
N THR B 345 11.04 45.59 -11.88
CA THR B 345 9.76 46.20 -11.56
C THR B 345 9.57 46.34 -10.06
N GLY B 346 10.67 46.42 -9.31
CA GLY B 346 10.67 46.69 -7.89
C GLY B 346 11.01 45.46 -7.07
N THR B 347 10.92 45.62 -5.75
CA THR B 347 11.10 44.50 -4.84
C THR B 347 9.82 43.67 -4.78
N VAL B 348 9.99 42.35 -4.75
CA VAL B 348 8.90 41.39 -4.56
C VAL B 348 9.27 40.52 -3.37
N MET B 349 8.50 40.63 -2.28
CA MET B 349 8.66 39.74 -1.13
C MET B 349 7.76 38.54 -1.39
N GLY B 350 8.34 37.52 -1.99
CA GLY B 350 7.59 36.34 -2.39
C GLY B 350 7.47 35.32 -1.28
N ALA B 351 7.09 34.09 -1.67
CA ALA B 351 6.81 33.04 -0.71
C ALA B 351 8.02 32.73 0.14
N VAL B 352 9.20 32.86 -0.43
CA VAL B 352 10.43 32.61 0.30
C VAL B 352 10.54 33.53 1.51
N ILE B 353 10.09 34.79 1.37
CA ILE B 353 10.08 35.69 2.51
C ILE B 353 8.94 35.35 3.45
N MET B 354 7.76 35.03 2.90
CA MET B 354 6.55 34.85 3.69
C MET B 354 6.53 33.53 4.48
N GLU B 355 7.38 32.57 4.12
CA GLU B 355 7.38 31.26 4.79
C GLU B 355 7.64 31.35 6.29
N GLY B 356 8.58 32.17 6.72
CA GLY B 356 8.79 32.14 8.16
C GLY B 356 7.71 32.84 8.97
N PHE B 357 6.75 33.49 8.32
CA PHE B 357 5.88 34.42 9.03
C PHE B 357 4.39 34.13 8.85
N TYR B 358 3.62 34.60 9.81
CA TYR B 358 2.19 34.74 9.69
C TYR B 358 1.93 36.16 9.21
N VAL B 359 1.28 36.31 8.05
CA VAL B 359 1.18 37.59 7.37
C VAL B 359 -0.28 37.99 7.28
N VAL B 360 -0.63 39.08 7.93
CA VAL B 360 -2.01 39.57 7.99
C VAL B 360 -2.20 40.68 6.97
N PHE B 361 -3.09 40.45 6.02
CA PHE B 361 -3.48 41.45 5.02
C PHE B 361 -4.71 42.18 5.54
N ASP B 362 -4.47 43.21 6.35
CA ASP B 362 -5.54 43.95 7.02
C ASP B 362 -6.01 45.08 6.12
N ARG B 363 -6.73 44.69 5.07
CA ARG B 363 -7.27 45.65 4.12
C ARG B 363 -8.10 46.73 4.82
N ALA B 364 -8.85 46.34 5.85
CA ALA B 364 -9.75 47.25 6.55
C ALA B 364 -8.98 48.38 7.23
N ARG B 365 -7.74 48.13 7.67
CA ARG B 365 -6.94 49.16 8.32
C ARG B 365 -5.72 49.58 7.49
N LYS B 366 -5.73 49.27 6.19
CA LYS B 366 -4.65 49.62 5.27
C LYS B 366 -3.27 49.28 5.84
N ARG B 367 -3.10 48.02 6.26
CA ARG B 367 -1.83 47.61 6.84
C ARG B 367 -1.60 46.12 6.64
N ILE B 368 -0.34 45.73 6.73
CA ILE B 368 0.07 44.34 6.66
C ILE B 368 0.84 44.01 7.92
N GLY B 369 0.49 42.90 8.56
CA GLY B 369 1.12 42.47 9.81
C GLY B 369 2.06 41.30 9.59
N PHE B 370 3.15 41.28 10.34
CA PHE B 370 4.09 40.16 10.31
C PHE B 370 4.28 39.62 11.72
N ALA B 371 4.29 38.29 11.84
CA ALA B 371 4.67 37.62 13.09
C ALA B 371 5.41 36.35 12.74
N VAL B 372 6.19 35.86 13.69
CA VAL B 372 6.83 34.55 13.55
C VAL B 372 5.76 33.47 13.46
N SER B 373 5.85 32.64 12.42
CA SER B 373 4.83 31.62 12.20
C SER B 373 4.95 30.50 13.23
N ALA B 374 3.83 29.79 13.44
CA ALA B 374 3.87 28.56 14.22
C ALA B 374 4.71 27.49 13.54
N CYS B 375 4.86 27.55 12.22
CA CYS B 375 5.73 26.64 11.49
C CYS B 375 6.96 27.39 10.99
N HIS B 376 7.63 28.11 11.89
CA HIS B 376 8.67 29.04 11.50
C HIS B 376 9.97 28.33 11.16
N VAL B 377 10.85 29.06 10.48
CA VAL B 377 12.12 28.53 10.00
C VAL B 377 13.16 28.72 11.10
N HIS B 378 13.66 27.61 11.65
CA HIS B 378 14.74 27.69 12.63
C HIS B 378 15.64 26.46 12.54
N ASP B 379 16.94 26.68 12.51
CA ASP B 379 17.84 25.59 12.86
C ASP B 379 18.09 25.74 14.35
N GLU B 380 19.06 25.02 14.88
CA GLU B 380 19.33 25.09 16.31
C GLU B 380 20.14 26.31 16.73
N PHE B 381 20.60 27.14 15.78
CA PHE B 381 21.47 28.26 16.15
C PHE B 381 20.91 29.62 15.72
N ARG B 382 20.01 29.67 14.73
CA ARG B 382 19.41 30.91 14.27
C ARG B 382 17.93 30.67 13.99
N THR B 383 17.16 31.75 14.06
CA THR B 383 15.72 31.68 13.84
C THR B 383 15.25 32.91 13.08
N ALA B 384 14.31 32.69 12.16
CA ALA B 384 13.64 33.81 11.52
C ALA B 384 12.86 34.59 12.58
N ALA B 385 12.89 35.93 12.47
CA ALA B 385 12.34 36.74 13.55
C ALA B 385 11.59 37.95 13.00
N VAL B 386 10.78 38.52 13.88
CA VAL B 386 10.13 39.80 13.65
C VAL B 386 10.43 40.63 14.89
N GLU B 387 11.27 41.66 14.74
CA GLU B 387 11.80 42.39 15.87
C GLU B 387 11.58 43.88 15.70
N GLY B 388 11.21 44.53 16.80
CA GLY B 388 11.02 45.97 16.87
C GLY B 388 10.80 46.35 18.32
N PRO B 389 10.60 47.64 18.61
CA PRO B 389 10.62 48.74 17.64
C PRO B 389 12.04 49.15 17.31
N PHE B 390 12.25 49.68 16.12
CA PHE B 390 13.47 50.39 15.76
C PHE B 390 13.11 51.84 15.42
N VAL B 391 14.10 52.71 15.56
CA VAL B 391 13.99 54.10 15.12
C VAL B 391 14.56 54.23 13.71
N THR B 392 13.80 54.87 12.81
CA THR B 392 14.29 55.14 11.46
C THR B 392 13.77 56.51 11.04
N LEU B 393 14.69 57.40 10.67
CA LEU B 393 14.30 58.74 10.29
C LEU B 393 13.91 58.84 8.82
N ASP B 394 13.04 59.82 8.52
CA ASP B 394 12.60 60.13 7.16
C ASP B 394 12.14 58.91 6.38
N MET B 395 11.24 58.13 6.98
CA MET B 395 10.82 56.89 6.35
C MET B 395 10.05 57.11 5.06
N GLU B 396 9.27 58.19 4.98
CA GLU B 396 8.50 58.42 3.76
C GLU B 396 9.39 58.73 2.57
N ASP B 397 10.56 59.33 2.79
CA ASP B 397 11.50 59.55 1.70
C ASP B 397 11.94 58.25 1.04
N CYS B 398 11.70 57.10 1.68
CA CYS B 398 12.08 55.83 1.10
C CYS B 398 11.11 55.39 0.01
N GLY B 399 9.90 55.92 -0.01
CA GLY B 399 9.00 55.64 -1.11
C GLY B 399 9.49 56.29 -2.39
N TYR B 400 9.13 55.69 -3.52
CA TYR B 400 9.51 56.19 -4.82
C TYR B 400 8.29 56.78 -5.51
N ASN B 401 8.49 57.81 -6.31
CA ASN B 401 7.37 58.44 -7.02
C ASN B 401 7.64 58.64 -8.51
N SER C 14 18.41 -28.68 -29.66
CA SER C 14 18.03 -29.83 -30.47
C SER C 14 16.65 -30.36 -30.14
N PHE C 15 16.06 -29.79 -29.09
CA PHE C 15 14.83 -30.35 -28.52
C PHE C 15 13.57 -29.86 -29.24
N VAL C 16 13.70 -28.93 -30.18
CA VAL C 16 12.55 -28.43 -30.92
C VAL C 16 11.82 -29.55 -31.66
N GLU C 17 12.55 -30.61 -32.06
CA GLU C 17 11.94 -31.76 -32.74
C GLU C 17 10.83 -32.40 -31.91
N MET C 18 10.95 -32.33 -30.59
CA MET C 18 10.09 -33.09 -29.69
C MET C 18 8.92 -32.27 -29.19
N VAL C 19 8.87 -31.00 -29.54
CA VAL C 19 7.77 -30.16 -29.10
C VAL C 19 6.47 -30.66 -29.73
N ASP C 20 5.40 -30.69 -28.91
CA ASP C 20 4.05 -31.03 -29.37
C ASP C 20 3.91 -32.50 -29.74
N ASN C 21 4.71 -33.39 -29.17
CA ASN C 21 4.66 -34.82 -29.48
C ASN C 21 3.69 -35.62 -28.59
N LEU C 22 2.88 -34.96 -27.76
CA LEU C 22 1.91 -35.66 -26.93
C LEU C 22 0.49 -35.26 -27.34
N ARG C 23 -0.39 -36.24 -27.33
CA ARG C 23 -1.82 -36.02 -27.51
C ARG C 23 -2.56 -36.79 -26.44
N GLY C 24 -3.86 -36.51 -26.33
CA GLY C 24 -4.70 -37.26 -25.43
C GLY C 24 -6.10 -36.68 -25.41
N LYS C 25 -7.03 -37.49 -24.91
CA LYS C 25 -8.35 -37.00 -24.55
C LYS C 25 -8.36 -36.74 -23.05
N SER C 26 -9.01 -35.67 -22.65
CA SER C 26 -9.07 -35.29 -21.25
C SER C 26 -9.47 -36.46 -20.37
N GLY C 27 -8.77 -36.63 -19.26
CA GLY C 27 -9.04 -37.71 -18.32
C GLY C 27 -8.51 -39.06 -18.74
N GLN C 28 -7.90 -39.16 -19.92
CA GLN C 28 -7.47 -40.44 -20.48
C GLN C 28 -5.97 -40.52 -20.72
N GLY C 29 -5.20 -39.63 -20.11
CA GLY C 29 -3.76 -39.65 -20.23
C GLY C 29 -3.22 -39.02 -21.50
N TYR C 30 -1.92 -38.78 -21.49
CA TYR C 30 -1.21 -38.25 -22.63
C TYR C 30 -0.36 -39.36 -23.21
N TYR C 31 -0.35 -39.47 -24.53
CA TYR C 31 0.42 -40.51 -25.17
C TYR C 31 1.37 -39.91 -26.21
N VAL C 32 2.46 -40.63 -26.44
CA VAL C 32 3.48 -40.31 -27.43
C VAL C 32 3.54 -41.46 -28.43
N GLU C 33 3.91 -41.12 -29.66
CA GLU C 33 3.97 -42.11 -30.74
C GLU C 33 5.30 -42.83 -30.69
N MET C 34 5.25 -44.16 -30.78
CA MET C 34 6.43 -45.00 -30.80
C MET C 34 6.30 -46.03 -31.92
N THR C 35 7.42 -46.67 -32.24
CA THR C 35 7.42 -47.86 -33.07
C THR C 35 8.13 -48.98 -32.31
N VAL C 36 7.64 -50.21 -32.47
CA VAL C 36 8.31 -51.40 -31.95
C VAL C 36 8.37 -52.45 -33.05
N GLY C 37 9.48 -53.21 -33.05
CA GLY C 37 9.65 -54.32 -33.97
C GLY C 37 10.33 -53.95 -35.29
N SER C 38 10.71 -55.01 -36.00
CA SER C 38 11.28 -54.90 -37.36
C SER C 38 10.44 -55.72 -38.32
N PRO C 39 9.75 -55.11 -39.31
CA PRO C 39 9.62 -53.68 -39.57
C PRO C 39 8.81 -52.94 -38.50
N PRO C 40 8.97 -51.62 -38.42
CA PRO C 40 8.40 -50.87 -37.28
C PRO C 40 6.89 -50.94 -37.26
N GLN C 41 6.35 -51.35 -36.11
CA GLN C 41 4.91 -51.25 -35.86
C GLN C 41 4.65 -50.01 -35.01
N THR C 42 3.72 -49.17 -35.46
CA THR C 42 3.47 -47.87 -34.85
C THR C 42 2.37 -47.98 -33.81
N LEU C 43 2.65 -47.49 -32.60
CA LEU C 43 1.70 -47.54 -31.50
C LEU C 43 1.75 -46.25 -30.71
N ASN C 44 0.59 -45.84 -30.22
CA ASN C 44 0.50 -44.72 -29.31
C ASN C 44 0.64 -45.23 -27.87
N ILE C 45 1.58 -44.64 -27.13
CA ILE C 45 2.01 -45.18 -25.85
C ILE C 45 1.83 -44.10 -24.80
N LEU C 46 0.95 -44.36 -23.84
CA LEU C 46 0.70 -43.42 -22.76
C LEU C 46 1.96 -43.23 -21.91
N VAL C 47 2.26 -41.97 -21.51
CA VAL C 47 3.47 -41.69 -20.75
C VAL C 47 3.10 -41.61 -19.26
N ASP C 48 3.70 -42.47 -18.46
CA ASP C 48 3.28 -42.68 -17.08
C ASP C 48 4.48 -42.56 -16.15
N THR C 49 4.60 -41.46 -15.45
CA THR C 49 5.69 -41.33 -14.48
C THR C 49 5.36 -42.03 -13.18
N GLY C 50 4.18 -42.66 -13.08
CA GLY C 50 3.75 -43.32 -11.86
C GLY C 50 3.87 -44.82 -11.89
N SER C 51 4.60 -45.36 -12.86
CA SER C 51 4.91 -46.79 -12.94
C SER C 51 6.17 -46.97 -13.77
N SER C 52 6.63 -48.22 -13.89
CA SER C 52 7.94 -48.50 -14.48
C SER C 52 7.95 -49.66 -15.47
N ASN C 53 6.79 -50.08 -15.98
CA ASN C 53 6.73 -51.15 -16.97
C ASN C 53 6.38 -50.58 -18.33
N PHE C 54 7.07 -51.08 -19.36
CA PHE C 54 6.72 -50.79 -20.76
C PHE C 54 5.87 -51.95 -21.26
N ALA C 55 4.62 -51.66 -21.58
CA ALA C 55 3.66 -52.70 -21.94
C ALA C 55 2.76 -52.22 -23.06
N VAL C 56 2.45 -53.11 -24.00
CA VAL C 56 1.62 -52.78 -25.15
C VAL C 56 0.58 -53.88 -25.33
N GLY C 57 -0.62 -53.47 -25.76
CA GLY C 57 -1.61 -54.43 -26.20
C GLY C 57 -1.03 -55.33 -27.27
N ALA C 58 -1.19 -56.64 -27.11
CA ALA C 58 -0.56 -57.58 -28.03
C ALA C 58 -1.55 -58.62 -28.53
N ALA C 59 -2.85 -58.39 -28.35
CA ALA C 59 -3.91 -59.32 -28.67
C ALA C 59 -5.16 -58.50 -28.90
N PRO C 60 -6.12 -59.00 -29.68
CA PRO C 60 -7.33 -58.22 -29.91
C PRO C 60 -8.03 -57.83 -28.62
N HIS C 61 -8.64 -56.66 -28.64
CA HIS C 61 -9.37 -56.16 -27.50
C HIS C 61 -10.41 -55.23 -28.11
N PRO C 62 -11.62 -55.16 -27.55
CA PRO C 62 -12.63 -54.26 -28.13
C PRO C 62 -12.15 -52.83 -28.27
N PHE C 63 -11.40 -52.32 -27.30
CA PHE C 63 -11.03 -50.91 -27.29
C PHE C 63 -9.73 -50.62 -28.02
N LEU C 64 -8.98 -51.64 -28.45
CA LEU C 64 -7.73 -51.44 -29.16
C LEU C 64 -8.00 -51.30 -30.64
N HIS C 65 -7.44 -50.26 -31.24
CA HIS C 65 -7.55 -50.07 -32.67
C HIS C 65 -6.46 -50.79 -33.45
N ARG C 66 -5.34 -51.09 -32.80
CA ARG C 66 -4.26 -51.90 -33.36
C ARG C 66 -3.51 -52.52 -32.20
N TYR C 67 -2.55 -53.39 -32.48
CA TYR C 67 -1.77 -53.97 -31.40
C TYR C 67 -0.48 -54.59 -31.91
N TYR C 68 0.45 -54.76 -30.98
CA TYR C 68 1.73 -55.39 -31.25
C TYR C 68 1.53 -56.83 -31.73
N GLN C 69 2.17 -57.16 -32.84
CA GLN C 69 2.10 -58.50 -33.43
C GLN C 69 3.53 -59.03 -33.43
N ARG C 70 3.87 -59.79 -32.40
CA ARG C 70 5.25 -60.25 -32.24
C ARG C 70 5.68 -61.15 -33.39
N GLN C 71 4.75 -61.97 -33.91
CA GLN C 71 5.09 -62.89 -34.99
C GLN C 71 5.55 -62.16 -36.24
N LEU C 72 5.21 -60.89 -36.39
CA LEU C 72 5.60 -60.10 -37.55
C LEU C 72 6.90 -59.32 -37.35
N SER C 73 7.52 -59.43 -36.18
CA SER C 73 8.74 -58.69 -35.89
C SER C 73 9.91 -59.65 -35.86
N SER C 74 10.88 -59.41 -36.73
CA SER C 74 12.04 -60.28 -36.80
C SER C 74 13.00 -60.05 -35.65
N THR C 75 12.97 -58.87 -35.01
CA THR C 75 13.84 -58.61 -33.88
C THR C 75 13.21 -58.98 -32.55
N TYR C 76 11.98 -59.52 -32.55
CA TYR C 76 11.33 -59.92 -31.31
C TYR C 76 12.07 -61.09 -30.68
N ARG C 77 12.34 -60.98 -29.38
CA ARG C 77 12.85 -62.07 -28.57
C ARG C 77 11.90 -62.28 -27.40
N ASP C 78 11.56 -63.53 -27.13
CA ASP C 78 10.67 -63.88 -26.05
C ASP C 78 11.49 -64.20 -24.80
N LEU C 79 11.14 -63.56 -23.67
CA LEU C 79 11.81 -63.86 -22.42
C LEU C 79 11.20 -65.06 -21.69
N ARG C 80 10.05 -65.55 -22.17
CA ARG C 80 9.44 -66.78 -21.69
C ARG C 80 9.13 -66.72 -20.19
N LYS C 81 8.82 -65.53 -19.70
CA LYS C 81 8.31 -65.30 -18.36
C LYS C 81 7.05 -64.44 -18.44
N GLY C 82 6.12 -64.70 -17.53
CA GLY C 82 4.91 -63.91 -17.46
C GLY C 82 5.01 -62.76 -16.47
N VAL C 83 4.08 -61.84 -16.57
CA VAL C 83 4.14 -60.61 -15.79
C VAL C 83 2.72 -60.12 -15.59
N TYR C 84 2.49 -59.53 -14.44
CA TYR C 84 1.21 -58.90 -14.18
C TYR C 84 1.47 -57.61 -13.42
N VAL C 85 0.65 -56.60 -13.68
CA VAL C 85 0.80 -55.28 -13.07
C VAL C 85 -0.54 -54.79 -12.54
N PRO C 86 -0.71 -54.64 -11.24
CA PRO C 86 -1.92 -54.00 -10.71
C PRO C 86 -1.73 -52.52 -10.42
N TYR C 87 -2.41 -51.64 -11.15
CA TYR C 87 -2.33 -50.21 -10.89
C TYR C 87 -3.26 -49.87 -9.71
N THR C 88 -3.29 -48.60 -9.30
CA THR C 88 -4.25 -48.21 -8.28
C THR C 88 -5.67 -48.49 -8.72
N GLN C 89 -5.95 -48.36 -10.02
CA GLN C 89 -7.18 -48.84 -10.64
C GLN C 89 -6.83 -49.39 -12.01
N GLY C 90 -7.29 -50.61 -12.29
CA GLY C 90 -7.00 -51.31 -13.51
C GLY C 90 -5.79 -52.23 -13.37
N LYS C 91 -5.72 -53.22 -14.26
CA LYS C 91 -4.63 -54.19 -14.23
C LYS C 91 -4.58 -54.94 -15.55
N TRP C 92 -3.40 -55.48 -15.86
CA TRP C 92 -3.19 -56.33 -17.02
C TRP C 92 -2.17 -57.41 -16.68
N GLU C 93 -2.17 -58.47 -17.47
CA GLU C 93 -1.08 -59.43 -17.44
C GLU C 93 -0.60 -59.64 -18.86
N GLY C 94 0.60 -60.17 -19.00
CA GLY C 94 1.14 -60.41 -20.33
C GLY C 94 2.45 -61.18 -20.29
N GLU C 95 3.06 -61.27 -21.46
CA GLU C 95 4.28 -62.05 -21.66
C GLU C 95 5.44 -61.10 -21.92
N LEU C 96 6.54 -61.31 -21.20
CA LEU C 96 7.73 -60.48 -21.36
C LEU C 96 8.52 -60.84 -22.61
N GLY C 97 9.11 -59.82 -23.22
CA GLY C 97 10.04 -60.00 -24.32
C GLY C 97 10.90 -58.77 -24.44
N THR C 98 11.75 -58.77 -25.46
CA THR C 98 12.48 -57.57 -25.82
C THR C 98 12.31 -57.37 -27.31
N ASP C 99 12.56 -56.14 -27.75
CA ASP C 99 12.43 -55.82 -29.16
C ASP C 99 13.01 -54.43 -29.36
N LEU C 100 13.15 -54.04 -30.62
CA LEU C 100 13.69 -52.72 -30.94
C LEU C 100 12.58 -51.67 -30.90
N VAL C 101 12.88 -50.54 -30.27
CA VAL C 101 11.91 -49.49 -30.03
C VAL C 101 12.49 -48.17 -30.51
N SER C 102 11.63 -47.32 -31.10
CA SER C 102 11.99 -45.98 -31.51
C SER C 102 10.84 -45.04 -31.23
N ILE C 103 11.17 -43.75 -31.15
CA ILE C 103 10.20 -42.69 -30.91
C ILE C 103 10.30 -41.69 -32.05
N PRO C 104 9.37 -41.76 -33.00
CA PRO C 104 9.48 -40.89 -34.19
C PRO C 104 9.74 -39.43 -33.89
N HIS C 105 8.93 -38.81 -33.05
CA HIS C 105 9.13 -37.42 -32.63
C HIS C 105 9.85 -37.35 -31.30
N GLY C 106 10.98 -38.07 -31.24
CA GLY C 106 11.85 -38.07 -30.10
C GLY C 106 13.28 -38.04 -30.59
N PRO C 107 14.21 -38.49 -29.76
CA PRO C 107 15.59 -38.61 -30.23
C PRO C 107 15.68 -39.67 -31.32
N ASN C 108 16.62 -39.45 -32.23
CA ASN C 108 16.76 -40.37 -33.36
C ASN C 108 17.67 -41.52 -32.93
N VAL C 109 17.10 -42.42 -32.15
CA VAL C 109 17.82 -43.57 -31.63
C VAL C 109 16.92 -44.80 -31.65
N THR C 110 17.55 -45.96 -31.52
CA THR C 110 16.85 -47.24 -31.44
C THR C 110 17.44 -48.05 -30.30
N VAL C 111 16.57 -48.51 -29.39
CA VAL C 111 17.00 -49.25 -28.21
C VAL C 111 16.31 -50.61 -28.19
N ARG C 112 17.02 -51.60 -27.68
CA ARG C 112 16.40 -52.87 -27.32
C ARG C 112 15.86 -52.73 -25.91
N ALA C 113 14.55 -52.90 -25.75
CA ALA C 113 13.88 -52.62 -24.51
C ALA C 113 12.99 -53.80 -24.12
N ASN C 114 12.81 -53.98 -22.82
CA ASN C 114 11.83 -54.93 -22.32
C ASN C 114 10.43 -54.48 -22.71
N ILE C 115 9.63 -55.40 -23.25
CA ILE C 115 8.23 -55.13 -23.54
C ILE C 115 7.41 -56.24 -22.90
N ALA C 116 6.35 -55.87 -22.21
CA ALA C 116 5.36 -56.82 -21.75
C ALA C 116 4.22 -56.80 -22.78
N ALA C 117 4.03 -57.93 -23.45
CA ALA C 117 2.95 -58.10 -24.42
C ALA C 117 1.66 -58.40 -23.68
N ILE C 118 0.81 -57.39 -23.54
CA ILE C 118 -0.43 -57.55 -22.78
C ILE C 118 -1.36 -58.51 -23.51
N THR C 119 -1.74 -59.59 -22.83
CA THR C 119 -2.66 -60.58 -23.39
C THR C 119 -4.03 -60.58 -22.72
N GLU C 120 -4.11 -60.12 -21.48
CA GLU C 120 -5.34 -60.01 -20.72
C GLU C 120 -5.31 -58.67 -19.99
N SER C 121 -6.48 -58.05 -19.83
CA SER C 121 -6.54 -56.80 -19.11
C SER C 121 -7.93 -56.63 -18.51
N ASP C 122 -7.99 -55.86 -17.42
CA ASP C 122 -9.25 -55.53 -16.76
C ASP C 122 -9.23 -54.06 -16.38
N LYS C 123 -10.20 -53.30 -16.92
CA LYS C 123 -10.37 -51.87 -16.64
C LYS C 123 -9.08 -51.08 -16.87
N PHE C 124 -8.36 -51.42 -17.93
CA PHE C 124 -7.13 -50.74 -18.31
C PHE C 124 -7.31 -49.93 -19.58
N PHE C 125 -7.59 -50.59 -20.71
CA PHE C 125 -7.80 -49.86 -21.95
C PHE C 125 -9.11 -49.07 -21.90
N ILE C 126 -9.10 -47.89 -22.51
CA ILE C 126 -10.23 -46.98 -22.45
C ILE C 126 -10.92 -46.94 -23.80
N ASN C 127 -12.24 -46.99 -23.77
CA ASN C 127 -13.03 -46.99 -24.99
C ASN C 127 -12.73 -45.74 -25.82
N GLY C 128 -12.24 -45.96 -27.03
CA GLY C 128 -11.85 -44.87 -27.93
C GLY C 128 -10.78 -43.94 -27.39
N SER C 129 -9.80 -44.48 -26.65
CA SER C 129 -8.80 -43.60 -26.05
C SER C 129 -7.71 -43.21 -27.05
N ASN C 130 -7.42 -44.12 -27.99
CA ASN C 130 -6.48 -43.99 -29.09
C ASN C 130 -5.02 -44.25 -28.67
N TRP C 131 -4.77 -44.69 -27.45
CA TRP C 131 -3.47 -45.26 -27.12
C TRP C 131 -3.62 -46.75 -26.92
N GLU C 132 -2.53 -47.48 -27.15
CA GLU C 132 -2.57 -48.93 -27.10
C GLU C 132 -1.55 -49.53 -26.15
N GLY C 133 -0.80 -48.71 -25.42
CA GLY C 133 0.24 -49.20 -24.54
C GLY C 133 0.59 -48.14 -23.53
N ILE C 134 1.54 -48.48 -22.66
CA ILE C 134 1.94 -47.62 -21.55
C ILE C 134 3.46 -47.64 -21.41
N LEU C 135 4.04 -46.49 -21.11
CA LEU C 135 5.48 -46.30 -20.97
C LEU C 135 5.78 -45.87 -19.53
N GLY C 136 6.13 -46.83 -18.69
CA GLY C 136 6.43 -46.53 -17.31
C GLY C 136 7.80 -45.87 -17.15
N LEU C 137 7.81 -44.62 -16.72
CA LEU C 137 9.03 -43.82 -16.68
C LEU C 137 9.65 -43.77 -15.29
N ALA C 138 9.07 -44.44 -14.30
CA ALA C 138 9.66 -44.47 -12.97
C ALA C 138 10.82 -45.47 -12.93
N TYR C 139 11.33 -45.70 -11.74
CA TYR C 139 12.57 -46.44 -11.55
C TYR C 139 12.35 -47.93 -11.41
N ALA C 140 13.43 -48.68 -11.61
CA ALA C 140 13.40 -50.13 -11.61
C ALA C 140 12.77 -50.72 -10.34
N GLU C 141 12.91 -50.00 -9.23
CA GLU C 141 12.47 -50.51 -7.93
C GLU C 141 10.99 -50.91 -7.92
N ILE C 142 10.15 -50.31 -8.74
CA ILE C 142 8.74 -50.64 -8.74
C ILE C 142 8.33 -51.37 -10.02
N ALA C 143 9.29 -51.80 -10.82
CA ALA C 143 8.98 -52.60 -11.99
C ALA C 143 8.50 -53.99 -11.57
N ARG C 144 7.53 -54.56 -12.36
CA ARG C 144 7.10 -55.95 -12.23
C ARG C 144 7.76 -56.80 -13.30
N PRO C 145 8.07 -58.07 -13.03
CA PRO C 145 7.84 -58.78 -11.76
C PRO C 145 8.79 -58.38 -10.64
N ASP C 146 9.96 -57.83 -10.96
CA ASP C 146 10.89 -57.36 -9.94
C ASP C 146 11.83 -56.34 -10.57
N ASP C 147 12.74 -55.80 -9.75
CA ASP C 147 13.53 -54.65 -10.16
C ASP C 147 14.68 -54.99 -11.10
N SER C 148 14.81 -56.23 -11.53
CA SER C 148 15.81 -56.56 -12.53
C SER C 148 15.27 -56.38 -13.95
N LEU C 149 13.98 -56.12 -14.11
CA LEU C 149 13.45 -55.83 -15.43
C LEU C 149 13.71 -54.36 -15.70
N GLU C 150 14.75 -54.09 -16.47
CA GLU C 150 15.20 -52.73 -16.72
C GLU C 150 14.09 -51.89 -17.34
N PRO C 151 13.71 -50.77 -16.71
CA PRO C 151 12.69 -49.91 -17.33
C PRO C 151 13.21 -49.29 -18.62
N PHE C 152 12.27 -48.88 -19.47
CA PHE C 152 12.62 -48.36 -20.79
C PHE C 152 13.63 -47.22 -20.72
N PHE C 153 13.37 -46.21 -19.89
CA PHE C 153 14.23 -45.02 -19.93
C PHE C 153 15.65 -45.35 -19.52
N ASP C 154 15.81 -46.35 -18.63
CA ASP C 154 17.11 -46.87 -18.27
C ASP C 154 17.81 -47.49 -19.48
N SER C 155 17.07 -48.24 -20.29
CA SER C 155 17.64 -48.80 -21.51
C SER C 155 18.07 -47.69 -22.46
N LEU C 156 17.20 -46.70 -22.66
CA LEU C 156 17.51 -45.55 -23.53
C LEU C 156 18.81 -44.88 -23.09
N VAL C 157 18.96 -44.64 -21.79
CA VAL C 157 20.15 -43.96 -21.31
C VAL C 157 21.38 -44.84 -21.43
N LYS C 158 21.24 -46.14 -21.15
CA LYS C 158 22.40 -47.04 -21.21
C LYS C 158 22.88 -47.25 -22.64
N GLN C 159 21.95 -47.39 -23.59
CA GLN C 159 22.28 -47.76 -24.96
C GLN C 159 22.56 -46.59 -25.88
N THR C 160 22.32 -45.35 -25.44
CA THR C 160 22.51 -44.16 -26.28
C THR C 160 23.25 -43.06 -25.53
N HIS C 161 23.40 -41.89 -26.15
CA HIS C 161 24.01 -40.74 -25.50
C HIS C 161 22.97 -39.79 -24.92
N VAL C 162 21.70 -40.19 -24.90
CA VAL C 162 20.63 -39.36 -24.37
C VAL C 162 20.90 -39.05 -22.90
N PRO C 163 20.96 -37.77 -22.51
CA PRO C 163 21.16 -37.44 -21.10
C PRO C 163 20.02 -37.92 -20.23
N ASN C 164 20.35 -38.22 -18.97
CA ASN C 164 19.44 -38.88 -18.04
C ASN C 164 18.49 -37.87 -17.39
N LEU C 165 17.60 -37.32 -18.21
CA LEU C 165 16.45 -36.54 -17.75
C LEU C 165 15.44 -36.40 -18.89
N PHE C 166 14.22 -36.05 -18.51
CA PHE C 166 13.18 -35.74 -19.46
C PHE C 166 12.26 -34.73 -18.80
N SER C 167 11.47 -34.02 -19.61
CA SER C 167 10.54 -33.05 -19.05
C SER C 167 9.18 -33.19 -19.72
N LEU C 168 8.14 -32.82 -18.98
CA LEU C 168 6.76 -32.96 -19.43
C LEU C 168 6.03 -31.64 -19.29
N GLN C 169 5.49 -31.16 -20.41
CA GLN C 169 4.54 -30.06 -20.46
C GLN C 169 3.20 -30.65 -20.88
N LEU C 170 2.33 -30.94 -19.92
CA LEU C 170 0.99 -31.44 -20.20
C LEU C 170 -0.01 -30.29 -20.23
N CYS C 171 -0.73 -30.11 -21.32
CA CYS C 171 -1.64 -28.98 -21.44
C CYS C 171 -3.09 -29.40 -21.26
N GLY C 172 -3.87 -28.54 -20.63
CA GLY C 172 -5.27 -28.81 -20.42
C GLY C 172 -6.08 -28.45 -21.66
N ALA C 173 -7.38 -28.71 -21.58
CA ALA C 173 -8.27 -28.46 -22.70
C ALA C 173 -8.64 -26.97 -22.83
N SER C 185 -8.21 -33.58 -28.43
CA SER C 185 -8.78 -32.80 -27.34
C SER C 185 -7.75 -32.08 -26.45
N VAL C 186 -6.65 -32.75 -26.07
CA VAL C 186 -5.56 -32.13 -25.31
C VAL C 186 -4.23 -32.59 -25.87
N GLY C 187 -3.18 -31.79 -25.64
CA GLY C 187 -1.85 -32.15 -26.09
C GLY C 187 -0.73 -31.69 -25.18
N GLY C 188 0.53 -31.87 -25.60
CA GLY C 188 1.65 -31.43 -24.80
C GLY C 188 2.97 -31.86 -25.41
N SER C 189 4.04 -31.74 -24.61
CA SER C 189 5.40 -32.09 -25.02
C SER C 189 6.10 -32.96 -23.99
N MET C 190 6.83 -33.97 -24.49
CA MET C 190 7.79 -34.73 -23.69
C MET C 190 9.17 -34.50 -24.32
N ILE C 191 9.99 -33.69 -23.67
CA ILE C 191 11.35 -33.44 -24.12
C ILE C 191 12.24 -34.53 -23.52
N ILE C 192 12.75 -35.40 -24.38
CA ILE C 192 13.55 -36.54 -23.96
C ILE C 192 15.01 -36.12 -24.02
N GLY C 193 15.66 -36.10 -22.86
CA GLY C 193 17.08 -35.79 -22.80
C GLY C 193 17.42 -34.37 -22.47
N GLY C 194 16.45 -33.54 -22.09
CA GLY C 194 16.79 -32.17 -21.77
C GLY C 194 15.57 -31.32 -21.46
N ILE C 195 15.83 -30.02 -21.46
CA ILE C 195 14.89 -28.96 -21.08
C ILE C 195 14.75 -28.01 -22.27
N ASP C 196 13.49 -27.71 -22.64
CA ASP C 196 13.19 -26.77 -23.72
C ASP C 196 12.66 -25.47 -23.13
N HIS C 197 13.40 -24.37 -23.36
CA HIS C 197 13.07 -23.09 -22.73
C HIS C 197 11.82 -22.42 -23.28
N SER C 198 11.36 -22.78 -24.49
CA SER C 198 10.13 -22.15 -24.96
C SER C 198 8.90 -22.68 -24.23
N LEU C 199 9.05 -23.76 -23.46
CA LEU C 199 7.91 -24.38 -22.80
C LEU C 199 7.59 -23.78 -21.43
N TYR C 200 8.42 -22.87 -20.90
CA TYR C 200 8.12 -22.32 -19.59
C TYR C 200 8.57 -20.87 -19.49
N THR C 201 7.99 -20.17 -18.52
CA THR C 201 8.37 -18.84 -18.09
C THR C 201 8.78 -18.83 -16.62
N GLY C 202 9.52 -17.78 -16.25
CA GLY C 202 10.02 -17.67 -14.91
C GLY C 202 11.14 -18.66 -14.67
N SER C 203 11.38 -18.97 -13.41
CA SER C 203 12.44 -19.87 -13.03
C SER C 203 11.89 -21.25 -12.76
N LEU C 204 12.75 -22.25 -12.99
CA LEU C 204 12.53 -23.61 -12.53
C LEU C 204 12.92 -23.71 -11.05
N TRP C 205 12.03 -24.30 -10.24
CA TRP C 205 12.28 -24.54 -8.83
C TRP C 205 12.38 -26.04 -8.59
N TYR C 206 13.41 -26.47 -7.86
CA TYR C 206 13.72 -27.89 -7.75
C TYR C 206 13.46 -28.45 -6.36
N THR C 207 12.93 -29.69 -6.34
CA THR C 207 12.66 -30.45 -5.13
C THR C 207 13.36 -31.80 -5.25
N PRO C 208 13.95 -32.29 -4.16
CA PRO C 208 14.72 -33.53 -4.24
C PRO C 208 13.81 -34.72 -4.49
N ILE C 209 14.27 -35.65 -5.33
CA ILE C 209 13.68 -36.98 -5.42
C ILE C 209 14.09 -37.73 -4.16
N ARG C 210 13.16 -37.97 -3.24
CA ARG C 210 13.56 -38.54 -1.95
C ARG C 210 14.13 -39.93 -2.08
N ARG C 211 13.59 -40.72 -3.01
CA ARG C 211 14.02 -42.10 -3.21
C ARG C 211 13.66 -42.49 -4.63
N GLU C 212 14.53 -43.24 -5.29
CA GLU C 212 14.34 -43.58 -6.70
C GLU C 212 13.51 -44.85 -6.82
N TRP C 213 12.21 -44.69 -6.66
CA TRP C 213 11.26 -45.76 -6.98
C TRP C 213 10.07 -45.17 -7.73
N TYR C 214 9.12 -44.57 -7.03
CA TYR C 214 8.31 -43.55 -7.69
C TYR C 214 9.14 -42.27 -7.76
N TYR C 215 8.63 -41.28 -8.46
CA TYR C 215 9.20 -39.95 -8.30
C TYR C 215 8.65 -39.37 -7.01
N GLU C 216 9.29 -39.72 -5.90
CA GLU C 216 8.82 -39.31 -4.58
C GLU C 216 9.42 -37.98 -4.16
N VAL C 217 8.56 -37.09 -3.67
CA VAL C 217 8.91 -35.75 -3.23
C VAL C 217 8.29 -35.53 -1.85
N ILE C 218 8.59 -34.38 -1.26
CA ILE C 218 8.12 -34.07 0.09
C ILE C 218 7.38 -32.75 0.05
N ILE C 219 6.10 -32.80 0.44
CA ILE C 219 5.26 -31.63 0.61
C ILE C 219 5.43 -31.14 2.04
N VAL C 220 5.77 -29.87 2.21
CA VAL C 220 6.12 -29.34 3.53
C VAL C 220 5.07 -28.42 4.12
N ARG C 221 4.07 -28.00 3.35
CA ARG C 221 3.01 -27.08 3.77
C ARG C 221 1.89 -27.11 2.75
N VAL C 222 0.65 -26.91 3.23
CA VAL C 222 -0.51 -26.81 2.35
C VAL C 222 -1.34 -25.61 2.78
N GLU C 223 -1.73 -24.78 1.81
CA GLU C 223 -2.58 -23.63 2.05
C GLU C 223 -3.78 -23.63 1.10
N ILE C 224 -4.93 -23.22 1.62
CA ILE C 224 -6.14 -23.08 0.82
C ILE C 224 -6.59 -21.64 0.95
N ASN C 225 -6.63 -20.94 -0.19
CA ASN C 225 -6.87 -19.49 -0.19
C ASN C 225 -5.98 -18.80 0.82
N GLY C 226 -4.72 -19.25 0.92
CA GLY C 226 -3.79 -18.61 1.81
C GLY C 226 -3.83 -19.07 3.26
N GLN C 227 -4.81 -19.90 3.63
CA GLN C 227 -4.91 -20.38 5.01
C GLN C 227 -4.19 -21.73 5.13
N ASP C 228 -3.31 -21.80 6.13
CA ASP C 228 -2.56 -23.02 6.39
C ASP C 228 -3.49 -24.11 6.90
N LEU C 229 -3.44 -25.30 6.30
CA LEU C 229 -4.21 -26.41 6.82
C LEU C 229 -3.78 -26.78 8.24
N LYS C 230 -2.57 -26.39 8.64
CA LYS C 230 -2.07 -26.60 10.01
C LYS C 230 -2.21 -28.08 10.41
N MET C 231 -1.58 -28.93 9.63
CA MET C 231 -1.44 -30.33 9.96
C MET C 231 0.03 -30.67 10.09
N ASP C 232 0.32 -31.70 10.87
CA ASP C 232 1.65 -32.29 10.88
C ASP C 232 2.02 -32.59 9.43
N CYS C 233 3.15 -32.03 8.96
CA CYS C 233 3.46 -32.19 7.54
C CYS C 233 3.72 -33.64 7.16
N LYS C 234 4.02 -34.50 8.13
CA LYS C 234 4.12 -35.93 7.84
C LYS C 234 2.80 -36.48 7.27
N GLU C 235 1.67 -35.89 7.69
CA GLU C 235 0.37 -36.29 7.17
C GLU C 235 0.27 -36.06 5.66
N TYR C 236 0.94 -35.03 5.15
CA TYR C 236 0.90 -34.75 3.72
C TYR C 236 1.65 -35.82 2.91
N ASN C 237 2.57 -36.54 3.53
CA ASN C 237 3.41 -37.50 2.83
C ASN C 237 3.19 -38.91 3.36
N TYR C 238 2.00 -39.19 3.85
CA TYR C 238 1.65 -40.47 4.45
C TYR C 238 0.91 -41.31 3.42
N ASP C 239 1.54 -42.36 2.90
CA ASP C 239 2.86 -42.83 3.30
C ASP C 239 4.00 -42.39 2.36
N LYS C 240 3.63 -41.66 1.31
CA LYS C 240 4.58 -41.07 0.36
C LYS C 240 3.82 -40.02 -0.45
N SER C 241 4.58 -39.17 -1.14
CA SER C 241 4.05 -38.25 -2.14
C SER C 241 4.76 -38.49 -3.46
N ILE C 242 4.01 -38.60 -4.56
CA ILE C 242 4.61 -38.92 -5.84
C ILE C 242 4.10 -37.98 -6.92
N VAL C 243 4.89 -37.82 -7.98
CA VAL C 243 4.49 -37.06 -9.16
C VAL C 243 4.15 -38.06 -10.27
N ASP C 244 2.88 -38.09 -10.68
CA ASP C 244 2.34 -39.22 -11.44
C ASP C 244 1.52 -38.74 -12.65
N SER C 245 2.12 -38.75 -13.84
CA SER C 245 1.37 -38.30 -15.01
C SER C 245 0.31 -39.32 -15.45
N GLY C 246 0.34 -40.51 -14.91
CA GLY C 246 -0.64 -41.51 -15.25
C GLY C 246 -1.87 -41.49 -14.39
N THR C 247 -1.93 -40.56 -13.45
CA THR C 247 -3.08 -40.39 -12.59
C THR C 247 -3.74 -39.05 -12.92
N THR C 248 -5.06 -39.06 -13.06
CA THR C 248 -5.75 -37.82 -13.42
C THR C 248 -5.80 -36.85 -12.26
N ASN C 249 -6.17 -37.33 -11.08
CA ASN C 249 -6.54 -36.47 -9.97
C ASN C 249 -5.36 -36.09 -9.09
N LEU C 250 -5.58 -35.05 -8.30
CA LEU C 250 -4.87 -34.89 -7.05
C LEU C 250 -5.50 -35.86 -6.05
N ARG C 251 -4.69 -36.80 -5.57
CA ARG C 251 -5.12 -37.75 -4.56
C ARG C 251 -4.40 -37.41 -3.26
N LEU C 252 -5.16 -37.34 -2.17
CA LEU C 252 -4.67 -36.94 -0.85
C LEU C 252 -4.96 -38.03 0.18
N PRO C 253 -4.07 -38.22 1.14
CA PRO C 253 -4.37 -39.12 2.27
C PRO C 253 -5.63 -38.69 3.02
N LYS C 254 -6.35 -39.69 3.54
CA LYS C 254 -7.66 -39.51 4.17
C LYS C 254 -7.79 -38.27 5.04
N LYS C 255 -6.90 -38.11 6.03
CA LYS C 255 -6.99 -36.94 6.89
C LYS C 255 -6.81 -35.65 6.09
N VAL C 256 -5.84 -35.64 5.17
CA VAL C 256 -5.62 -34.44 4.38
C VAL C 256 -6.81 -34.19 3.44
N PHE C 257 -7.35 -35.26 2.84
CA PHE C 257 -8.51 -35.12 1.98
C PHE C 257 -9.69 -34.51 2.74
N GLU C 258 -9.93 -34.99 3.95
CA GLU C 258 -11.02 -34.44 4.75
C GLU C 258 -10.81 -32.95 5.01
N ALA C 259 -9.61 -32.58 5.49
CA ALA C 259 -9.36 -31.17 5.80
C ALA C 259 -9.52 -30.30 4.57
N ALA C 260 -8.98 -30.73 3.44
CA ALA C 260 -9.04 -29.92 2.22
C ALA C 260 -10.48 -29.72 1.76
N VAL C 261 -11.27 -30.81 1.75
CA VAL C 261 -12.65 -30.73 1.29
C VAL C 261 -13.49 -29.88 2.23
N LYS C 262 -13.29 -30.03 3.55
CA LYS C 262 -13.98 -29.17 4.49
C LYS C 262 -13.72 -27.71 4.16
N SER C 263 -12.47 -27.40 3.80
CA SER C 263 -12.06 -26.03 3.51
C SER C 263 -12.57 -25.55 2.15
N ILE C 264 -12.58 -26.44 1.15
CA ILE C 264 -13.13 -26.07 -0.16
C ILE C 264 -14.65 -25.91 -0.09
N LYS C 265 -15.32 -26.67 0.79
CA LYS C 265 -16.76 -26.51 0.97
C LYS C 265 -17.08 -25.16 1.59
N ALA C 266 -16.38 -24.79 2.66
CA ALA C 266 -16.65 -23.52 3.30
C ALA C 266 -16.42 -22.35 2.34
N ALA C 267 -15.36 -22.44 1.51
CA ALA C 267 -15.08 -21.36 0.58
C ALA C 267 -16.18 -21.19 -0.44
N SER C 268 -16.82 -22.28 -0.86
CA SER C 268 -17.83 -22.24 -1.92
C SER C 268 -19.25 -22.43 -1.40
N SER C 269 -19.46 -22.29 -0.09
CA SER C 269 -20.75 -22.58 0.53
C SER C 269 -21.86 -21.66 0.05
N THR C 270 -21.51 -20.58 -0.66
CA THR C 270 -22.50 -19.75 -1.36
C THR C 270 -23.37 -20.57 -2.32
N GLU C 271 -22.93 -21.75 -2.73
CA GLU C 271 -23.75 -22.66 -3.52
C GLU C 271 -23.73 -24.04 -2.87
N LYS C 272 -24.75 -24.81 -3.19
CA LYS C 272 -24.94 -26.14 -2.59
C LYS C 272 -24.61 -27.18 -3.66
N PHE C 273 -23.85 -28.19 -3.26
CA PHE C 273 -23.46 -29.24 -4.19
C PHE C 273 -23.84 -30.61 -3.63
N PRO C 274 -24.27 -31.54 -4.48
CA PRO C 274 -24.55 -32.90 -4.00
C PRO C 274 -23.34 -33.50 -3.33
N ASP C 275 -23.55 -34.19 -2.20
CA ASP C 275 -22.44 -34.85 -1.54
C ASP C 275 -21.76 -35.89 -2.40
N GLY C 276 -22.39 -36.32 -3.50
CA GLY C 276 -21.70 -37.19 -4.41
C GLY C 276 -20.80 -36.48 -5.39
N PHE C 277 -20.89 -35.15 -5.46
CA PHE C 277 -19.94 -34.38 -6.25
C PHE C 277 -18.57 -34.37 -5.58
N TRP C 278 -18.53 -34.18 -4.26
CA TRP C 278 -17.27 -34.18 -3.52
C TRP C 278 -16.60 -35.54 -3.50
N LEU C 279 -17.30 -36.60 -3.90
CA LEU C 279 -16.74 -37.94 -4.02
C LEU C 279 -16.38 -38.31 -5.45
N GLY C 280 -16.49 -37.37 -6.38
CA GLY C 280 -16.13 -37.60 -7.77
C GLY C 280 -17.17 -38.36 -8.56
N GLU C 281 -18.33 -38.63 -7.98
CA GLU C 281 -19.37 -39.40 -8.65
C GLU C 281 -20.24 -38.52 -9.54
N GLN C 282 -20.89 -37.53 -8.95
CA GLN C 282 -21.82 -36.68 -9.69
C GLN C 282 -21.11 -35.49 -10.29
N LEU C 283 -21.58 -35.07 -11.46
CA LEU C 283 -21.11 -33.86 -12.07
C LEU C 283 -21.80 -32.66 -11.43
N VAL C 284 -21.29 -31.48 -11.75
CA VAL C 284 -21.97 -30.22 -11.49
C VAL C 284 -21.96 -29.46 -12.80
N CYS C 285 -23.05 -28.77 -13.10
CA CYS C 285 -23.14 -28.05 -14.36
C CYS C 285 -23.66 -26.64 -14.14
N TRP C 286 -23.16 -25.73 -14.96
CA TRP C 286 -23.60 -24.36 -14.99
C TRP C 286 -23.88 -23.99 -16.44
N GLN C 287 -24.81 -23.06 -16.64
CA GLN C 287 -25.00 -22.47 -17.95
C GLN C 287 -23.67 -21.96 -18.47
N ALA C 288 -23.26 -22.45 -19.64
CA ALA C 288 -21.94 -22.20 -20.20
C ALA C 288 -21.53 -20.74 -20.06
N GLY C 289 -20.29 -20.51 -19.65
CA GLY C 289 -19.77 -19.16 -19.45
C GLY C 289 -20.16 -18.50 -18.14
N THR C 290 -20.94 -19.15 -17.28
CA THR C 290 -21.30 -18.62 -15.98
C THR C 290 -20.71 -19.44 -14.84
N THR C 291 -19.70 -20.26 -15.14
CA THR C 291 -19.04 -21.08 -14.12
C THR C 291 -18.47 -20.16 -13.04
N PRO C 292 -18.94 -20.25 -11.79
CA PRO C 292 -18.52 -19.33 -10.71
C PRO C 292 -17.14 -19.70 -10.13
N TRP C 293 -16.12 -19.50 -10.95
CA TRP C 293 -14.75 -19.88 -10.58
C TRP C 293 -14.30 -19.26 -9.27
N ASN C 294 -14.76 -18.04 -8.98
CA ASN C 294 -14.26 -17.24 -7.87
C ASN C 294 -14.69 -17.74 -6.51
N ILE C 295 -15.65 -18.66 -6.43
CA ILE C 295 -16.06 -19.20 -5.14
C ILE C 295 -15.26 -20.44 -4.78
N PHE C 296 -14.43 -20.92 -5.68
CA PHE C 296 -13.56 -22.03 -5.37
C PHE C 296 -12.16 -21.51 -5.07
N PRO C 297 -11.54 -22.02 -4.01
CA PRO C 297 -10.25 -21.50 -3.56
C PRO C 297 -9.09 -22.01 -4.41
N VAL C 298 -7.97 -21.30 -4.30
CA VAL C 298 -6.72 -21.83 -4.82
C VAL C 298 -6.08 -22.70 -3.77
N ILE C 299 -5.37 -23.72 -4.22
CA ILE C 299 -4.64 -24.63 -3.34
C ILE C 299 -3.14 -24.42 -3.58
N SER C 300 -2.40 -24.24 -2.50
CA SER C 300 -0.95 -24.12 -2.58
C SER C 300 -0.32 -25.37 -1.99
N LEU C 301 0.49 -26.06 -2.79
CA LEU C 301 1.32 -27.17 -2.35
C LEU C 301 2.74 -26.67 -2.26
N TYR C 302 3.33 -26.74 -1.07
CA TYR C 302 4.71 -26.32 -0.87
C TYR C 302 5.60 -27.55 -0.95
N LEU C 303 6.62 -27.48 -1.78
CA LEU C 303 7.54 -28.59 -1.98
C LEU C 303 8.88 -28.22 -1.37
N MET C 304 9.48 -29.17 -0.67
CA MET C 304 10.77 -28.95 -0.05
C MET C 304 11.80 -28.62 -1.11
N GLY C 305 12.58 -27.57 -0.88
CA GLY C 305 13.60 -27.22 -1.84
C GLY C 305 14.83 -28.08 -1.66
N GLU C 306 15.81 -27.85 -2.51
CA GLU C 306 17.02 -28.65 -2.35
C GLU C 306 17.80 -28.13 -1.17
N VAL C 307 17.65 -26.84 -0.88
CA VAL C 307 18.05 -26.18 0.35
C VAL C 307 16.74 -25.65 0.93
N THR C 308 16.48 -25.95 2.21
CA THR C 308 15.15 -25.68 2.76
C THR C 308 14.83 -24.20 2.90
N ASN C 309 15.73 -23.26 2.61
CA ASN C 309 15.29 -21.87 2.49
C ASN C 309 15.09 -21.49 1.03
N GLN C 310 15.06 -22.49 0.15
CA GLN C 310 14.67 -22.31 -1.24
C GLN C 310 13.50 -23.21 -1.60
N SER C 311 12.62 -23.47 -0.63
CA SER C 311 11.40 -24.18 -0.98
C SER C 311 10.52 -23.26 -1.80
N PHE C 312 9.44 -23.81 -2.32
CA PHE C 312 8.59 -23.06 -3.23
C PHE C 312 7.19 -23.64 -3.17
N ARG C 313 6.24 -22.91 -3.72
CA ARG C 313 4.87 -23.38 -3.74
C ARG C 313 4.37 -23.36 -5.18
N ILE C 314 3.50 -24.31 -5.48
CA ILE C 314 2.74 -24.34 -6.72
C ILE C 314 1.28 -24.10 -6.35
N THR C 315 0.61 -23.24 -7.10
CA THR C 315 -0.76 -22.88 -6.78
C THR C 315 -1.66 -23.42 -7.87
N ILE C 316 -2.74 -24.07 -7.45
CA ILE C 316 -3.66 -24.78 -8.33
C ILE C 316 -4.96 -23.98 -8.36
N LEU C 317 -5.46 -23.72 -9.56
CA LEU C 317 -6.73 -23.02 -9.63
C LEU C 317 -7.88 -24.01 -9.73
N PRO C 318 -9.11 -23.59 -9.41
CA PRO C 318 -10.26 -24.47 -9.65
C PRO C 318 -10.36 -24.95 -11.09
N GLN C 319 -9.89 -24.17 -12.06
CA GLN C 319 -9.86 -24.63 -13.44
C GLN C 319 -9.04 -25.89 -13.61
N GLN C 320 -8.16 -26.20 -12.67
CA GLN C 320 -7.39 -27.45 -12.74
C GLN C 320 -8.10 -28.59 -12.02
N TYR C 321 -8.59 -28.37 -10.80
CA TYR C 321 -9.17 -29.45 -10.01
C TYR C 321 -10.68 -29.57 -10.18
N LEU C 322 -11.30 -28.74 -11.02
CA LEU C 322 -12.63 -29.00 -11.56
C LEU C 322 -12.43 -29.45 -13.00
N ARG C 323 -12.51 -30.75 -13.22
CA ARG C 323 -12.16 -31.29 -14.53
C ARG C 323 -13.39 -31.28 -15.44
N PRO C 324 -13.28 -30.72 -16.64
CA PRO C 324 -14.46 -30.64 -17.53
C PRO C 324 -14.80 -31.99 -18.14
N VAL C 325 -16.12 -32.26 -18.27
CA VAL C 325 -16.67 -33.51 -18.77
C VAL C 325 -17.76 -33.22 -19.79
N GLU C 326 -18.33 -34.29 -20.36
CA GLU C 326 -19.38 -34.21 -21.38
C GLU C 326 -20.77 -34.07 -20.74
N ASP C 327 -21.64 -33.32 -21.41
CA ASP C 327 -22.89 -32.89 -20.81
C ASP C 327 -23.89 -34.05 -20.68
N VAL C 328 -24.64 -34.04 -19.58
CA VAL C 328 -25.66 -35.04 -19.33
C VAL C 328 -27.01 -34.57 -19.88
N SER C 331 -27.94 -30.56 -23.17
CA SER C 331 -27.85 -29.12 -22.99
C SER C 331 -26.50 -28.55 -23.43
N GLN C 332 -26.33 -27.25 -23.18
CA GLN C 332 -25.07 -26.56 -23.40
C GLN C 332 -24.44 -26.09 -22.09
N ASP C 333 -24.90 -26.65 -20.98
CA ASP C 333 -24.30 -26.37 -19.69
C ASP C 333 -22.86 -26.86 -19.63
N ASP C 334 -21.97 -26.04 -19.06
CA ASP C 334 -20.62 -26.51 -18.75
C ASP C 334 -20.66 -27.42 -17.53
N CYS C 335 -20.11 -28.62 -17.66
CA CYS C 335 -20.16 -29.61 -16.60
C CYS C 335 -18.75 -30.01 -16.15
N TYR C 336 -18.63 -30.29 -14.85
CA TYR C 336 -17.33 -30.58 -14.26
C TYR C 336 -17.43 -31.70 -13.23
N LYS C 337 -16.36 -32.45 -13.12
CA LYS C 337 -16.17 -33.45 -12.06
C LYS C 337 -15.12 -32.93 -11.10
N PHE C 338 -15.31 -33.18 -9.81
CA PHE C 338 -14.32 -32.83 -8.78
C PHE C 338 -13.16 -33.81 -8.87
N ALA C 339 -11.97 -33.31 -9.22
CA ALA C 339 -10.81 -34.15 -9.53
C ALA C 339 -9.80 -34.15 -8.38
N ILE C 340 -10.28 -33.99 -7.15
CA ILE C 340 -9.52 -34.29 -5.94
C ILE C 340 -10.20 -35.49 -5.31
N SER C 341 -9.45 -36.56 -5.07
CA SER C 341 -10.05 -37.74 -4.49
C SER C 341 -9.19 -38.24 -3.34
N GLN C 342 -9.79 -39.10 -2.53
CA GLN C 342 -9.16 -39.63 -1.33
C GLN C 342 -8.22 -40.75 -1.70
N SER C 343 -7.10 -40.83 -0.99
CA SER C 343 -6.09 -41.85 -1.22
C SER C 343 -5.80 -42.57 0.09
N SER C 344 -5.37 -43.81 -0.02
CA SER C 344 -4.88 -44.58 1.12
C SER C 344 -3.47 -45.07 0.85
N THR C 345 -2.81 -44.54 -0.17
CA THR C 345 -1.43 -44.84 -0.49
C THR C 345 -0.60 -43.59 -0.71
N GLY C 346 -1.01 -42.46 -0.13
CA GLY C 346 -0.23 -41.24 -0.11
C GLY C 346 -0.75 -40.20 -1.07
N THR C 347 -0.04 -39.09 -1.14
CA THR C 347 -0.40 -38.02 -2.08
C THR C 347 0.01 -38.45 -3.48
N VAL C 348 -0.86 -38.16 -4.44
CA VAL C 348 -0.55 -38.32 -5.85
C VAL C 348 -0.81 -36.99 -6.50
N MET C 349 0.25 -36.36 -6.99
CA MET C 349 0.10 -35.14 -7.77
C MET C 349 -0.05 -35.54 -9.22
N GLY C 350 -1.32 -35.65 -9.66
CA GLY C 350 -1.63 -36.15 -10.98
C GLY C 350 -1.59 -35.09 -12.06
N ALA C 351 -2.18 -35.44 -13.22
CA ALA C 351 -2.18 -34.55 -14.38
C ALA C 351 -2.87 -33.23 -14.08
N VAL C 352 -3.87 -33.26 -13.19
CA VAL C 352 -4.56 -32.06 -12.75
C VAL C 352 -3.58 -31.08 -12.10
N ILE C 353 -2.59 -31.59 -11.37
CA ILE C 353 -1.55 -30.74 -10.79
C ILE C 353 -0.53 -30.34 -11.85
N MET C 354 -0.17 -31.27 -12.73
CA MET C 354 0.91 -31.06 -13.69
C MET C 354 0.52 -30.18 -14.88
N GLU C 355 -0.77 -30.00 -15.14
CA GLU C 355 -1.25 -29.26 -16.32
C GLU C 355 -0.66 -27.86 -16.42
N GLY C 356 -0.84 -27.05 -15.40
CA GLY C 356 -0.32 -25.71 -15.57
C GLY C 356 1.20 -25.56 -15.55
N PHE C 357 1.96 -26.62 -15.35
CA PHE C 357 3.38 -26.50 -15.08
C PHE C 357 4.25 -27.27 -16.08
N TYR C 358 5.50 -26.83 -16.19
CA TYR C 358 6.54 -27.57 -16.88
C TYR C 358 7.32 -28.35 -15.82
N VAL C 359 7.35 -29.67 -15.95
CA VAL C 359 7.89 -30.52 -14.89
C VAL C 359 9.12 -31.22 -15.44
N VAL C 360 10.27 -30.94 -14.84
CA VAL C 360 11.54 -31.53 -15.26
C VAL C 360 11.83 -32.69 -14.32
N PHE C 361 11.93 -33.89 -14.89
CA PHE C 361 12.35 -35.08 -14.15
C PHE C 361 13.85 -35.25 -14.32
N ASP C 362 14.62 -34.62 -13.42
CA ASP C 362 16.08 -34.58 -13.52
C ASP C 362 16.70 -35.78 -12.80
N ARG C 363 16.59 -36.96 -13.44
CA ARG C 363 17.11 -38.19 -12.83
C ARG C 363 18.59 -38.07 -12.51
N ALA C 364 19.35 -37.42 -13.38
CA ALA C 364 20.79 -37.30 -13.18
C ALA C 364 21.13 -36.58 -11.88
N ARG C 365 20.30 -35.62 -11.44
CA ARG C 365 20.56 -34.91 -10.20
C ARG C 365 19.54 -35.23 -9.09
N LYS C 366 18.81 -36.33 -9.22
CA LYS C 366 17.83 -36.80 -8.23
C LYS C 366 16.94 -35.66 -7.74
N ARG C 367 16.31 -34.95 -8.68
CA ARG C 367 15.45 -33.84 -8.31
C ARG C 367 14.42 -33.62 -9.42
N ILE C 368 13.35 -32.92 -9.05
CA ILE C 368 12.28 -32.57 -9.96
C ILE C 368 12.11 -31.06 -9.95
N GLY C 369 12.04 -30.46 -11.13
CA GLY C 369 11.87 -29.03 -11.28
C GLY C 369 10.46 -28.68 -11.72
N PHE C 370 9.95 -27.55 -11.22
CA PHE C 370 8.68 -27.00 -11.63
C PHE C 370 8.84 -25.58 -12.17
N ALA C 371 8.13 -25.29 -13.25
CA ALA C 371 8.04 -23.93 -13.75
C ALA C 371 6.63 -23.71 -14.28
N VAL C 372 6.21 -22.44 -14.32
CA VAL C 372 4.95 -22.07 -14.94
C VAL C 372 5.02 -22.40 -16.43
N SER C 373 4.03 -23.18 -16.89
CA SER C 373 4.01 -23.67 -18.27
C SER C 373 3.68 -22.58 -19.28
N ALA C 374 4.15 -22.79 -20.51
CA ALA C 374 3.78 -21.93 -21.63
C ALA C 374 2.28 -22.03 -21.97
N CYS C 375 1.62 -23.10 -21.54
CA CYS C 375 0.17 -23.27 -21.68
C CYS C 375 -0.45 -23.25 -20.29
N HIS C 376 -0.16 -22.22 -19.52
CA HIS C 376 -0.57 -22.26 -18.12
C HIS C 376 -2.04 -21.91 -17.96
N VAL C 377 -2.56 -22.25 -16.80
CA VAL C 377 -3.96 -22.03 -16.46
C VAL C 377 -4.06 -20.62 -15.87
N HIS C 378 -4.91 -19.79 -16.48
CA HIS C 378 -5.05 -18.41 -16.04
C HIS C 378 -6.53 -18.06 -15.92
N ASP C 379 -6.88 -17.49 -14.78
CA ASP C 379 -8.21 -17.01 -14.46
C ASP C 379 -8.32 -15.56 -14.93
N GLU C 380 -9.41 -14.88 -14.60
CA GLU C 380 -9.49 -13.48 -14.98
C GLU C 380 -8.75 -12.64 -13.97
N PHE C 381 -8.56 -13.19 -12.78
CA PHE C 381 -8.06 -12.51 -11.61
C PHE C 381 -6.98 -13.30 -10.88
N ARG C 382 -6.77 -14.57 -11.22
CA ARG C 382 -5.85 -15.46 -10.52
C ARG C 382 -5.02 -16.23 -11.56
N THR C 383 -3.85 -16.70 -11.15
CA THR C 383 -3.00 -17.47 -12.05
C THR C 383 -2.31 -18.58 -11.29
N ALA C 384 -2.19 -19.74 -11.93
CA ALA C 384 -1.33 -20.77 -11.39
C ALA C 384 0.10 -20.24 -11.39
N ALA C 385 0.86 -20.57 -10.34
CA ALA C 385 2.16 -19.97 -10.15
C ALA C 385 3.12 -20.97 -9.57
N VAL C 386 4.41 -20.67 -9.72
CA VAL C 386 5.49 -21.34 -9.01
C VAL C 386 6.31 -20.23 -8.37
N GLU C 387 6.20 -20.11 -7.06
CA GLU C 387 6.73 -18.95 -6.35
C GLU C 387 7.72 -19.39 -5.28
N GLY C 388 8.81 -18.64 -5.15
CA GLY C 388 9.79 -18.86 -4.12
C GLY C 388 10.74 -17.70 -4.03
N PRO C 389 11.71 -17.75 -3.09
CA PRO C 389 11.96 -18.85 -2.16
C PRO C 389 11.06 -18.83 -0.93
N PHE C 390 10.82 -20.00 -0.37
CA PHE C 390 10.24 -20.12 0.96
C PHE C 390 11.18 -20.90 1.85
N VAL C 391 11.16 -20.57 3.14
CA VAL C 391 11.87 -21.34 4.15
C VAL C 391 10.84 -22.26 4.81
N THR C 392 11.17 -23.55 4.91
CA THR C 392 10.20 -24.53 5.42
C THR C 392 10.89 -25.58 6.27
N LEU C 393 10.13 -26.62 6.62
CA LEU C 393 10.62 -27.79 7.31
C LEU C 393 11.30 -28.73 6.31
N ASP C 394 12.16 -29.60 6.83
CA ASP C 394 12.98 -30.43 5.97
C ASP C 394 12.46 -31.86 5.88
N MET C 395 13.29 -32.74 5.32
CA MET C 395 12.88 -34.11 5.06
C MET C 395 12.69 -34.90 6.36
N GLU C 396 13.48 -34.62 7.39
CA GLU C 396 13.31 -35.33 8.65
C GLU C 396 12.01 -34.94 9.34
N ASP C 397 11.62 -33.67 9.23
CA ASP C 397 10.36 -33.21 9.79
C ASP C 397 9.15 -33.84 9.10
N CYS C 398 9.10 -33.74 7.76
CA CYS C 398 7.94 -34.08 6.98
C CYS C 398 7.95 -35.46 6.34
N GLY C 399 9.12 -36.06 6.17
CA GLY C 399 9.16 -37.38 5.57
C GLY C 399 8.58 -38.45 6.48
N TYR C 400 8.00 -39.45 5.86
CA TYR C 400 7.40 -40.57 6.56
C TYR C 400 8.28 -41.80 6.40
N ASN C 401 8.47 -42.54 7.49
CA ASN C 401 9.38 -43.69 7.49
C ASN C 401 8.72 -45.00 7.91
C4 E5Y D . -1.70 11.49 11.40
C5 E5Y D . -1.07 12.31 12.34
C8 E5Y D . -0.65 14.90 12.37
C11 E5Y D . -0.07 14.78 13.78
C18 E5Y D . -1.94 10.02 11.43
C14 E5Y D . 0.26 16.10 14.38
C23 E5Y D . -4.14 10.08 12.58
C26 E5Y D . -4.70 9.94 14.01
C30 E5Y D . -6.11 10.56 14.06
C34 E5Y D . -7.37 10.24 11.95
C35 E5Y D . -8.33 9.33 11.19
C38 E5Y D . -10.32 8.18 11.83
C39 E5Y D . -11.66 8.14 12.50
C43 E5Y D . -12.06 8.20 14.86
C46 E5Y D . -11.44 7.68 16.13
C49 E5Y D . -10.74 8.79 16.94
C52 E5Y D . -10.94 10.20 16.35
C55 E5Y D . -10.18 11.27 17.07
C58 E5Y D . -8.68 11.09 16.98
C61 E5Y D . -8.13 11.11 15.56
C63 E5Y D . -6.66 10.65 15.49
C66 E5Y D . -8.34 12.47 14.91
C7 E5Y D . -1.14 13.58 11.83
C71 E5Y D . -10.12 10.62 12.37
C75 E5Y D . -8.40 9.66 9.71
N1 E5Y D . -1.79 13.48 10.66
N21 E5Y D . -2.72 9.59 12.58
N3 E5Y D . -2.16 12.20 10.36
N32 E5Y D . -7.03 9.83 13.19
N37 E5Y D . -9.65 9.35 11.81
O28 E5Y D . -3.82 10.58 14.93
O42 E5Y D . -11.55 7.46 13.75
O70 E5Y D . -9.85 7.15 11.36
O79 E5Y D . -6.92 11.26 11.44
C4 E5Y E . 2.72 40.81 -10.91
C5 E5Y E . 1.44 41.24 -11.26
C8 E5Y E . 0.43 41.96 -13.61
C11 E5Y E . -0.97 41.37 -13.40
C18 E5Y E . 3.28 40.42 -9.58
C14 E5Y E . -2.05 42.29 -13.91
C23 E5Y E . 3.24 38.02 -10.02
C26 E5Y E . 2.34 36.84 -9.69
C30 E5Y E . 2.62 35.67 -10.65
C34 E5Y E . 4.97 35.57 -11.28
C35 E5Y E . 6.38 35.03 -10.95
C38 E5Y E . 7.15 32.89 -10.16
C39 E5Y E . 7.18 31.37 -10.29
C43 E5Y E . 5.24 30.06 -9.91
C46 E5Y E . 4.22 29.80 -8.82
C49 E5Y E . 2.81 30.11 -9.26
C52 E5Y E . 2.63 30.29 -10.78
C55 E5Y E . 1.19 30.70 -11.17
C58 E5Y E . 0.84 32.17 -10.83
C61 E5Y E . 1.91 33.24 -11.16
C63 E5Y E . 1.62 34.54 -10.41
C66 E5Y E . 1.98 33.50 -12.66
C7 E5Y E . 1.48 41.47 -12.61
C71 E5Y E . 5.72 32.93 -12.16
C75 E5Y E . 7.46 35.73 -11.74
N1 E5Y E . 2.73 41.17 -13.01
N21 E5Y E . 2.88 39.09 -9.13
N3 E5Y E . 3.53 40.76 -11.99
N32 E5Y E . 3.99 35.19 -10.49
N37 E5Y E . 6.45 33.57 -11.07
O28 E5Y E . 0.98 37.27 -9.82
O42 E5Y E . 6.33 30.77 -9.34
O70 E5Y E . 7.75 33.44 -9.25
O79 E5Y E . 4.80 36.34 -12.22
C4 E5Y F . 0.74 -46.55 -8.91
C5 E5Y F . 1.80 -47.39 -9.29
C8 E5Y F . 2.05 -49.97 -9.10
C11 E5Y F . 2.85 -50.10 -10.36
C18 E5Y F . 0.60 -45.07 -9.05
C14 E5Y F . 3.86 -51.22 -10.32
C23 E5Y F . -0.71 -45.25 -11.10
C26 E5Y F . -0.56 -45.06 -12.60
C30 E5Y F . -1.85 -45.60 -13.25
C34 E5Y F . -3.90 -45.07 -11.94
C35 E5Y F . -5.04 -44.07 -11.68
C38 E5Y F . -6.48 -42.79 -13.13
C39 E5Y F . -7.45 -42.70 -14.28
C43 E5Y F . -6.75 -42.98 -16.53
C46 E5Y F . -5.68 -42.48 -17.48
C49 E5Y F . -4.76 -43.60 -17.96
C52 E5Y F . -5.16 -44.99 -17.43
C55 E5Y F . -4.20 -46.10 -17.80
C58 E5Y F . -2.91 -46.06 -17.03
C61 E5Y F . -3.07 -46.03 -15.51
C63 E5Y F . -1.73 -45.77 -14.77
C66 E5Y F . -3.76 -47.30 -15.00
C7 E5Y F . 1.40 -48.66 -8.95
C71 E5Y F . -6.37 -45.22 -13.51
C75 E5Y F . -5.76 -44.38 -10.38
N1 E5Y F . 0.16 -48.54 -8.42
N21 E5Y F . 0.41 -44.63 -10.42
N3 E5Y F . -0.27 -47.25 -8.39
N32 E5Y F . -3.01 -44.74 -12.92
N37 E5Y F . -5.99 -43.99 -12.82
O28 E5Y F . 0.58 -45.79 -13.04
O42 E5Y F . -6.85 -42.11 -15.42
O70 E5Y F . -6.15 -41.79 -12.51
O79 E5Y F . -3.80 -46.10 -11.26
#